data_8IP1
#
_entry.id   8IP1
#
_cell.length_a   58.092
_cell.length_b   87.099
_cell.length_c   110.853
_cell.angle_alpha   90.000
_cell.angle_beta   101.132
_cell.angle_gamma   90.000
#
_symmetry.space_group_name_H-M   'P 1 21 1'
#
loop_
_entity.id
_entity.type
_entity.pdbx_description
1 polymer 'Glucans biosynthesis protein D'
2 branched beta-D-glucopyranose-(1-2)-beta-D-glucopyranose-(1-2)-beta-D-glucopyranose-(1-2)-beta-D-glucopyranose-(1-2)-beta-D-glucopyranose-(1-2)-beta-D-glucopyranose-(1-2)-beta-D-glucopyranose-(1-2)-beta-D-glucopyranose-(1-2)-beta-D-glucopyranose-(1-2)-beta-D-glucopyranose-(1-2)-beta-D-glucopyranose
3 branched beta-D-glucopyranose-(1-2)-beta-D-glucopyranose-(1-2)-beta-D-glucopyranose-(1-2)-beta-D-glucopyranose-(1-2)-beta-D-glucopyranose-(1-2)-beta-D-glucopyranose-(1-2)-beta-D-glucopyranose-(1-2)-beta-D-glucopyranose-(1-2)-beta-D-glucopyranose-(1-2)-beta-D-glucopyranose-(1-2)-beta-D-glucopyranose-(1-2)-beta-D-glucopyranose-(1-2)-beta-D-glucopyranose
4 non-polymer DI(HYDROXYETHYL)ETHER
5 non-polymer 'TRIETHYLENE GLYCOL'
6 water water
#
_entity_poly.entity_id   1
_entity_poly.type   'polypeptide(L)'
_entity_poly.pdbx_seq_one_letter_code
;MDRRRFIKGSMAMAAVCGTSGIASLFSQAAFAADSDIADGQTQRFDFSILQSMAHDLAQTAWRGAPRPLPDTLATMTPQA
YNSIQYDAEKSLWHNVENRQLDAQFFHMGMGFRRRVRMFSVDPATHLAREIHFRPELFKYNDAGVDTKQLEGQSDLGFAG
FRVFKAPELARRDVVSFLGASYFRAVDDTYQYGLSARGLAIDTYTDSKEEFPDFTAFWFDTVKPGATTFTVYALLDSASI
TGAYKFTIHCEKSQVIMDVENHLYARKDIKQLGIAPMTSMFSCGTNERRMCDTIHPQIHDSDRLSMWRGNGEWICRPLNN
PQKLQFNAYTDNNPKGFGLLQLDRDFSHYQDIMGWYNKRPSLWVEPRNKWGKGTIGLMEIPTTGETLNNIVCFWQPEKAV
KAGDEFAFQYRLYWSAQPPVHCPLARVMATRTGMGGFSEGWAPGEHYPEKWARRFAVDFVGGDLKAAAPKGIEPVITLSS
GEAKQIEILYIEPIDGYRIQFDWYPTSDSTDPVDMRMYLRCQGDAISETWLYQYFPPAPDKRQYVDDRVMSLEHHHHHH
;
_entity_poly.pdbx_strand_id   A,B
#
# COMPACT_ATOMS: atom_id res chain seq x y z
N GLN A 43 -46.36 27.93 -18.75
CA GLN A 43 -46.71 26.51 -19.05
C GLN A 43 -45.91 26.04 -20.28
N ARG A 44 -45.80 26.88 -21.31
CA ARG A 44 -45.02 26.61 -22.54
C ARG A 44 -43.52 26.57 -22.14
N PHE A 45 -42.78 25.53 -22.51
CA PHE A 45 -41.33 25.44 -22.18
C PHE A 45 -40.56 24.73 -23.29
N ASP A 46 -39.39 25.29 -23.62
CA ASP A 46 -38.32 24.60 -24.40
C ASP A 46 -37.00 25.32 -24.15
N PHE A 47 -35.95 24.88 -24.81
CA PHE A 47 -34.59 25.38 -24.56
C PHE A 47 -34.51 26.85 -24.98
N SER A 48 -35.19 27.23 -26.06
CA SER A 48 -35.26 28.66 -26.52
C SER A 48 -35.79 29.52 -25.37
N ILE A 49 -36.85 29.04 -24.71
CA ILE A 49 -37.52 29.83 -23.66
C ILE A 49 -36.58 29.91 -22.46
N LEU A 50 -35.91 28.80 -22.10
CA LEU A 50 -34.93 28.80 -20.98
C LEU A 50 -33.86 29.86 -21.24
N GLN A 51 -33.35 29.97 -22.47
CA GLN A 51 -32.30 30.96 -22.85
C GLN A 51 -32.81 32.38 -22.66
N SER A 52 -34.02 32.70 -23.10
CA SER A 52 -34.63 34.03 -22.84
C SER A 52 -34.73 34.28 -21.34
N MET A 53 -35.20 33.29 -20.57
CA MET A 53 -35.29 33.40 -19.09
C MET A 53 -33.92 33.78 -18.54
N ALA A 54 -32.88 32.97 -18.81
CA ALA A 54 -31.50 33.22 -18.32
C ALA A 54 -30.99 34.56 -18.85
N HIS A 55 -31.22 34.88 -20.13
CA HIS A 55 -30.83 36.20 -20.70
C HIS A 55 -31.49 37.31 -19.86
N ASP A 56 -32.81 37.27 -19.74
CA ASP A 56 -33.58 38.33 -19.05
C ASP A 56 -33.16 38.39 -17.58
N LEU A 57 -32.96 37.23 -16.93
CA LEU A 57 -32.48 37.19 -15.53
C LEU A 57 -31.22 38.04 -15.39
N ALA A 58 -30.30 37.89 -16.35
CA ALA A 58 -28.97 38.56 -16.35
C ALA A 58 -29.13 40.08 -16.43
N GLN A 59 -30.30 40.59 -16.83
CA GLN A 59 -30.51 42.08 -16.89
C GLN A 59 -30.89 42.59 -15.49
N THR A 60 -31.08 41.71 -14.50
CA THR A 60 -31.54 42.10 -13.14
C THR A 60 -30.43 41.80 -12.14
N ALA A 61 -30.46 42.45 -10.99
CA ALA A 61 -29.52 42.19 -9.88
C ALA A 61 -29.81 40.79 -9.34
N TRP A 62 -28.76 40.07 -8.98
CA TRP A 62 -28.82 38.71 -8.36
C TRP A 62 -29.81 38.69 -7.19
N ARG A 63 -30.74 37.74 -7.17
CA ARG A 63 -31.73 37.50 -6.07
C ARG A 63 -31.02 37.28 -4.72
N GLY A 64 -29.73 36.96 -4.70
CA GLY A 64 -28.99 36.86 -3.43
C GLY A 64 -29.04 35.46 -2.81
N ALA A 65 -28.35 35.28 -1.70
CA ALA A 65 -28.09 33.96 -1.08
C ALA A 65 -29.38 33.42 -0.48
N PRO A 66 -29.56 32.08 -0.38
CA PRO A 66 -30.79 31.56 0.22
C PRO A 66 -30.92 32.00 1.69
N ARG A 67 -32.16 32.07 2.19
CA ARG A 67 -32.48 32.23 3.65
C ARG A 67 -31.83 31.08 4.42
N PRO A 68 -31.33 31.35 5.64
CA PRO A 68 -30.87 30.27 6.52
C PRO A 68 -31.98 29.24 6.74
N LEU A 69 -31.61 27.99 7.05
CA LEU A 69 -32.58 26.91 7.29
C LEU A 69 -33.01 26.94 8.76
N PRO A 70 -34.18 26.35 9.06
CA PRO A 70 -34.50 25.98 10.43
C PRO A 70 -33.40 25.07 11.03
N ASP A 71 -33.16 25.22 12.33
CA ASP A 71 -32.19 24.44 13.17
C ASP A 71 -32.31 22.94 12.85
N THR A 72 -33.52 22.38 12.89
CA THR A 72 -33.80 20.97 12.56
C THR A 72 -32.96 20.53 11.33
N LEU A 73 -32.82 21.40 10.31
CA LEU A 73 -32.22 21.02 9.02
C LEU A 73 -30.76 21.50 8.96
N ALA A 74 -30.47 22.67 9.53
CA ALA A 74 -29.14 23.31 9.50
C ALA A 74 -28.13 22.40 10.20
N THR A 75 -28.54 21.68 11.23
CA THR A 75 -27.63 20.93 12.14
C THR A 75 -27.65 19.44 11.81
N MET A 76 -28.34 19.01 10.76
CA MET A 76 -28.31 17.58 10.40
C MET A 76 -26.87 17.15 10.08
N THR A 77 -26.51 15.95 10.52
CA THR A 77 -25.31 15.21 10.08
C THR A 77 -25.60 14.68 8.69
N PRO A 78 -24.60 14.32 7.88
CA PRO A 78 -24.85 13.58 6.65
C PRO A 78 -25.71 12.34 6.89
N GLN A 79 -25.47 11.65 8.00
CA GLN A 79 -26.17 10.39 8.31
C GLN A 79 -27.67 10.70 8.41
N ALA A 80 -28.05 11.73 9.17
CA ALA A 80 -29.45 12.13 9.39
C ALA A 80 -30.04 12.61 8.04
N TYR A 81 -29.31 13.40 7.26
CA TYR A 81 -29.79 13.97 5.98
C TYR A 81 -30.07 12.85 4.98
N ASN A 82 -29.13 11.89 4.88
CA ASN A 82 -29.23 10.72 3.95
C ASN A 82 -30.32 9.75 4.43
N SER A 83 -30.83 9.88 5.67
CA SER A 83 -31.96 9.05 6.15
C SER A 83 -33.32 9.64 5.76
N ILE A 84 -33.35 10.87 5.25
CA ILE A 84 -34.62 11.50 4.77
C ILE A 84 -35.16 10.59 3.68
N GLN A 85 -36.45 10.27 3.76
CA GLN A 85 -37.11 9.28 2.89
C GLN A 85 -38.16 10.00 2.04
N TYR A 86 -37.95 10.01 0.72
CA TYR A 86 -38.94 10.49 -0.26
C TYR A 86 -39.99 9.41 -0.46
N ASP A 87 -41.25 9.80 -0.69
CA ASP A 87 -42.36 8.86 -0.97
C ASP A 87 -42.20 8.29 -2.39
N ALA A 88 -41.66 7.07 -2.52
CA ALA A 88 -41.46 6.36 -3.81
C ALA A 88 -42.76 6.28 -4.63
N GLU A 89 -43.94 6.24 -3.99
CA GLU A 89 -45.26 6.23 -4.67
C GLU A 89 -45.51 7.59 -5.34
N LYS A 90 -44.79 8.65 -4.97
CA LYS A 90 -44.88 9.99 -5.61
C LYS A 90 -43.63 10.27 -6.46
N SER A 91 -42.95 9.24 -6.93
CA SER A 91 -41.80 9.36 -7.86
C SER A 91 -42.23 10.16 -9.10
N LEU A 92 -41.31 10.89 -9.72
CA LEU A 92 -41.61 11.85 -10.82
C LEU A 92 -42.26 11.12 -11.99
N TRP A 93 -41.77 9.94 -12.37
CA TRP A 93 -42.29 9.17 -13.55
C TRP A 93 -43.05 7.92 -13.08
N HIS A 94 -43.68 7.94 -11.91
CA HIS A 94 -44.44 6.78 -11.36
C HIS A 94 -45.49 6.32 -12.37
N ASN A 95 -46.01 7.23 -13.19
CA ASN A 95 -47.13 6.99 -14.13
C ASN A 95 -46.64 6.38 -15.44
N VAL A 96 -45.33 6.30 -15.67
CA VAL A 96 -44.78 5.85 -16.99
C VAL A 96 -44.63 4.32 -16.97
N GLU A 97 -45.48 3.66 -17.76
CA GLU A 97 -45.51 2.19 -17.97
C GLU A 97 -44.13 1.73 -18.50
N ASN A 98 -43.57 0.67 -17.91
CA ASN A 98 -42.29 0.02 -18.34
C ASN A 98 -41.12 1.01 -18.30
N ARG A 99 -41.17 2.00 -17.41
CA ARG A 99 -40.05 2.97 -17.25
C ARG A 99 -38.80 2.20 -16.77
N GLN A 100 -37.64 2.52 -17.36
CA GLN A 100 -36.32 1.98 -16.96
C GLN A 100 -35.60 3.01 -16.06
N LEU A 101 -36.21 4.18 -15.88
CA LEU A 101 -35.68 5.28 -15.02
C LEU A 101 -36.81 5.85 -14.18
N ASP A 102 -36.46 6.42 -13.02
CA ASP A 102 -37.40 7.23 -12.23
C ASP A 102 -36.61 8.29 -11.48
N ALA A 103 -37.30 9.28 -10.93
CA ALA A 103 -36.65 10.41 -10.26
C ALA A 103 -37.40 10.73 -8.97
N GLN A 104 -36.64 11.16 -7.95
CA GLN A 104 -37.13 11.69 -6.67
C GLN A 104 -36.40 13.00 -6.41
N PHE A 105 -36.81 13.71 -5.37
CA PHE A 105 -36.23 15.02 -5.02
C PHE A 105 -35.56 14.90 -3.67
N PHE A 106 -34.63 15.82 -3.43
CA PHE A 106 -33.94 16.02 -2.16
C PHE A 106 -34.67 17.09 -1.36
N HIS A 107 -34.69 16.89 -0.05
CA HIS A 107 -35.19 17.87 0.95
C HIS A 107 -34.06 18.86 1.27
N MET A 108 -34.41 20.06 1.71
CA MET A 108 -33.39 21.04 2.17
C MET A 108 -32.74 20.51 3.46
N GLY A 109 -31.49 20.90 3.72
CA GLY A 109 -30.73 20.36 4.86
C GLY A 109 -29.24 20.62 4.74
N MET A 110 -28.59 20.67 5.90
CA MET A 110 -27.15 20.97 6.01
C MET A 110 -26.89 22.28 5.25
N GLY A 111 -25.91 22.31 4.33
CA GLY A 111 -25.60 23.49 3.49
C GLY A 111 -26.48 23.57 2.24
N PHE A 112 -27.41 22.62 2.04
CA PHE A 112 -28.30 22.61 0.86
C PHE A 112 -29.53 23.47 1.19
N ARG A 113 -29.36 24.78 1.02
CA ARG A 113 -30.27 25.84 1.52
C ARG A 113 -31.10 26.46 0.38
N ARG A 114 -30.69 26.30 -0.87
CA ARG A 114 -31.36 26.91 -2.06
C ARG A 114 -32.65 26.15 -2.36
N ARG A 115 -33.78 26.86 -2.39
CA ARG A 115 -35.06 26.37 -2.97
C ARG A 115 -34.86 26.19 -4.47
N VAL A 116 -34.98 24.96 -4.95
CA VAL A 116 -34.84 24.63 -6.39
C VAL A 116 -36.22 24.31 -6.91
N ARG A 117 -36.69 25.08 -7.88
CA ARG A 117 -38.04 24.84 -8.45
C ARG A 117 -37.93 23.73 -9.49
N MET A 118 -38.90 22.80 -9.45
CA MET A 118 -38.91 21.57 -10.26
C MET A 118 -40.15 21.60 -11.16
N PHE A 119 -39.99 21.24 -12.43
CA PHE A 119 -41.03 21.28 -13.48
C PHE A 119 -41.02 19.99 -14.27
N SER A 120 -42.21 19.45 -14.52
CA SER A 120 -42.45 18.30 -15.44
C SER A 120 -42.80 18.84 -16.81
N VAL A 121 -42.06 18.42 -17.83
CA VAL A 121 -42.26 18.87 -19.24
C VAL A 121 -42.69 17.65 -20.07
N ASP A 122 -43.81 17.77 -20.78
CA ASP A 122 -44.19 16.80 -21.84
C ASP A 122 -43.49 17.26 -23.11
N PRO A 123 -42.40 16.58 -23.55
CA PRO A 123 -41.63 17.00 -24.71
C PRO A 123 -42.45 16.92 -26.00
N ALA A 124 -43.50 16.10 -26.02
CA ALA A 124 -44.41 15.93 -27.17
C ALA A 124 -45.22 17.23 -27.37
N THR A 125 -45.59 17.94 -26.29
CA THR A 125 -46.47 19.13 -26.32
C THR A 125 -45.74 20.40 -25.89
N HIS A 126 -44.54 20.29 -25.32
CA HIS A 126 -43.73 21.45 -24.87
C HIS A 126 -44.46 22.21 -23.76
N LEU A 127 -45.29 21.51 -23.00
CA LEU A 127 -46.06 22.08 -21.87
C LEU A 127 -45.41 21.62 -20.56
N ALA A 128 -45.12 22.58 -19.67
CA ALA A 128 -44.46 22.37 -18.37
C ALA A 128 -45.45 22.64 -17.23
N ARG A 129 -45.44 21.80 -16.19
CA ARG A 129 -46.19 22.04 -14.93
C ARG A 129 -45.21 21.90 -13.78
N GLU A 130 -45.24 22.86 -12.85
CA GLU A 130 -44.39 22.88 -11.65
C GLU A 130 -44.82 21.76 -10.69
N ILE A 131 -43.84 21.10 -10.09
CA ILE A 131 -44.04 20.12 -8.99
C ILE A 131 -43.81 20.90 -7.70
N HIS A 132 -44.86 21.13 -6.93
CA HIS A 132 -44.82 21.95 -5.71
C HIS A 132 -44.31 21.04 -4.57
N PHE A 133 -43.42 21.54 -3.74
CA PHE A 133 -42.97 20.85 -2.52
C PHE A 133 -44.16 20.70 -1.56
N ARG A 134 -44.28 19.54 -0.92
CA ARG A 134 -45.24 19.31 0.18
C ARG A 134 -44.55 18.52 1.29
N PRO A 135 -44.83 18.84 2.58
CA PRO A 135 -44.30 18.06 3.70
C PRO A 135 -44.52 16.54 3.55
N GLU A 136 -45.70 16.14 3.07
CA GLU A 136 -46.12 14.73 2.89
C GLU A 136 -45.15 13.93 2.02
N LEU A 137 -44.31 14.59 1.20
CA LEU A 137 -43.43 13.86 0.24
C LEU A 137 -42.24 13.21 0.97
N PHE A 138 -41.94 13.62 2.21
CA PHE A 138 -40.73 13.19 2.95
C PHE A 138 -41.09 12.67 4.35
N LYS A 139 -40.35 11.65 4.83
CA LYS A 139 -40.30 11.18 6.22
C LYS A 139 -38.85 11.31 6.72
N TYR A 140 -38.67 11.54 8.03
CA TYR A 140 -37.37 11.66 8.74
C TYR A 140 -36.71 12.98 8.42
N ASN A 141 -37.49 13.93 7.89
CA ASN A 141 -37.02 15.30 7.54
C ASN A 141 -37.35 16.30 8.66
N ASP A 142 -38.21 15.93 9.62
CA ASP A 142 -38.94 16.94 10.45
C ASP A 142 -38.57 16.81 11.93
N ALA A 143 -37.53 16.04 12.26
CA ALA A 143 -36.95 15.93 13.62
C ALA A 143 -35.43 15.92 13.50
N GLY A 144 -34.75 16.82 14.21
CA GLY A 144 -33.29 17.01 14.14
C GLY A 144 -32.52 15.88 14.80
N VAL A 145 -31.18 15.99 14.77
CA VAL A 145 -30.24 15.04 15.41
C VAL A 145 -30.48 15.08 16.94
N ASP A 146 -31.02 16.18 17.45
CA ASP A 146 -31.30 16.37 18.88
C ASP A 146 -32.81 16.19 19.19
N THR A 147 -33.58 15.68 18.21
CA THR A 147 -35.04 15.36 18.24
C THR A 147 -35.91 16.60 18.11
N LYS A 148 -35.35 17.80 17.98
CA LYS A 148 -36.16 19.05 17.87
C LYS A 148 -37.03 18.98 16.59
N GLN A 149 -38.33 19.27 16.73
CA GLN A 149 -39.37 19.21 15.66
C GLN A 149 -39.19 20.39 14.70
N LEU A 150 -39.40 20.17 13.41
CA LEU A 150 -39.20 21.19 12.36
C LEU A 150 -40.22 22.35 12.53
N ASP A 155 -40.91 29.50 3.82
CA ASP A 155 -41.04 28.04 4.07
C ASP A 155 -40.06 27.31 3.12
N LEU A 156 -40.25 25.99 2.95
CA LEU A 156 -39.21 25.08 2.41
C LEU A 156 -39.48 24.76 0.94
N GLY A 157 -38.50 24.11 0.30
CA GLY A 157 -38.61 23.57 -1.06
C GLY A 157 -37.73 22.35 -1.27
N PHE A 158 -37.73 21.86 -2.50
CA PHE A 158 -36.76 20.88 -3.00
C PHE A 158 -35.38 21.55 -3.07
N ALA A 159 -34.35 20.72 -2.90
CA ALA A 159 -32.92 21.08 -2.89
C ALA A 159 -32.21 20.52 -4.13
N GLY A 160 -32.80 19.54 -4.81
CA GLY A 160 -32.12 18.82 -5.91
C GLY A 160 -32.92 17.61 -6.35
N PHE A 161 -32.36 16.77 -7.19
CA PHE A 161 -33.08 15.55 -7.68
C PHE A 161 -32.09 14.44 -7.88
N ARG A 162 -32.61 13.21 -7.91
CA ARG A 162 -31.80 12.04 -8.22
C ARG A 162 -32.61 11.10 -9.09
N VAL A 163 -31.91 10.39 -9.95
CA VAL A 163 -32.50 9.46 -10.94
C VAL A 163 -32.00 8.05 -10.62
N PHE A 164 -32.94 7.13 -10.71
CA PHE A 164 -32.83 5.69 -10.40
C PHE A 164 -33.02 4.96 -11.73
N LYS A 165 -32.39 3.80 -11.86
CA LYS A 165 -32.41 2.95 -13.07
C LYS A 165 -32.90 1.56 -12.67
N ALA A 166 -33.82 0.98 -13.44
CA ALA A 166 -34.22 -0.44 -13.34
C ALA A 166 -32.96 -1.29 -13.16
N PRO A 167 -32.94 -2.30 -12.30
CA PRO A 167 -34.12 -2.71 -11.53
C PRO A 167 -34.39 -1.98 -10.20
N GLU A 168 -33.51 -1.07 -9.78
CA GLU A 168 -33.62 -0.32 -8.50
C GLU A 168 -34.16 1.09 -8.76
N LEU A 169 -35.46 1.23 -9.04
CA LEU A 169 -36.11 2.53 -9.39
C LEU A 169 -36.34 3.40 -8.16
N ALA A 170 -36.21 2.83 -6.95
CA ALA A 170 -36.42 3.58 -5.69
C ALA A 170 -35.17 3.56 -4.79
N ARG A 171 -34.04 2.96 -5.20
CA ARG A 171 -32.79 3.05 -4.39
C ARG A 171 -31.56 3.01 -5.30
N ARG A 172 -30.41 3.36 -4.75
CA ARG A 172 -29.10 3.16 -5.42
C ARG A 172 -29.14 4.04 -6.67
N ASP A 173 -29.34 5.35 -6.48
CA ASP A 173 -29.46 6.35 -7.60
C ASP A 173 -28.16 6.42 -8.40
N VAL A 174 -28.27 6.72 -9.70
CA VAL A 174 -27.12 6.71 -10.66
C VAL A 174 -26.74 8.14 -11.07
N VAL A 175 -27.65 9.10 -10.95
CA VAL A 175 -27.41 10.56 -11.18
C VAL A 175 -28.06 11.34 -10.05
N SER A 176 -27.40 12.40 -9.60
CA SER A 176 -27.87 13.28 -8.52
C SER A 176 -27.36 14.70 -8.79
N PHE A 177 -28.25 15.67 -8.70
CA PHE A 177 -27.96 17.13 -8.72
C PHE A 177 -28.31 17.67 -7.34
N LEU A 178 -27.33 18.17 -6.61
CA LEU A 178 -27.56 18.65 -5.22
C LEU A 178 -26.38 19.52 -4.82
N GLY A 179 -26.70 20.71 -4.33
CA GLY A 179 -25.75 21.70 -3.81
C GLY A 179 -25.24 22.62 -4.90
N ALA A 180 -25.51 23.91 -4.80
CA ALA A 180 -24.99 24.94 -5.75
C ALA A 180 -25.28 24.44 -7.17
N SER A 181 -24.28 24.28 -8.04
CA SER A 181 -24.45 23.73 -9.41
C SER A 181 -23.76 22.36 -9.52
N TYR A 182 -23.62 21.64 -8.41
CA TYR A 182 -22.90 20.34 -8.35
C TYR A 182 -23.81 19.19 -8.78
N PHE A 183 -23.20 18.18 -9.39
CA PHE A 183 -23.88 16.92 -9.75
C PHE A 183 -22.86 15.80 -9.84
N ARG A 184 -23.33 14.57 -9.67
CA ARG A 184 -22.52 13.35 -9.77
C ARG A 184 -23.28 12.27 -10.53
N ALA A 185 -22.53 11.33 -11.07
CA ALA A 185 -23.12 10.10 -11.61
C ALA A 185 -22.15 8.94 -11.36
N VAL A 186 -22.68 7.74 -11.46
CA VAL A 186 -21.97 6.46 -11.17
C VAL A 186 -22.05 5.63 -12.44
N ASP A 187 -21.07 4.77 -12.64
CA ASP A 187 -21.10 3.74 -13.71
C ASP A 187 -21.70 2.44 -13.14
N ASP A 188 -21.30 1.27 -13.67
CA ASP A 188 -21.93 -0.03 -13.31
C ASP A 188 -21.39 -0.54 -11.97
N THR A 189 -20.47 0.16 -11.28
CA THR A 189 -20.15 -0.13 -9.86
C THR A 189 -21.27 0.45 -8.97
N TYR A 190 -21.97 1.50 -9.42
CA TYR A 190 -23.01 2.27 -8.67
C TYR A 190 -22.39 2.99 -7.46
N GLN A 191 -21.06 3.07 -7.33
CA GLN A 191 -20.38 3.80 -6.24
C GLN A 191 -20.11 5.26 -6.66
N TYR A 192 -20.69 6.20 -5.93
CA TYR A 192 -20.42 7.65 -6.09
C TYR A 192 -18.97 7.99 -5.74
N GLY A 193 -18.42 8.96 -6.47
CA GLY A 193 -17.13 9.56 -6.16
C GLY A 193 -17.11 11.05 -6.43
N LEU A 194 -16.32 11.44 -7.43
CA LEU A 194 -16.06 12.85 -7.77
C LEU A 194 -17.33 13.48 -8.33
N SER A 195 -17.36 14.81 -8.35
CA SER A 195 -18.46 15.68 -8.80
C SER A 195 -18.04 16.44 -10.04
N ALA A 196 -19.04 16.97 -10.73
CA ALA A 196 -18.89 18.08 -11.69
C ALA A 196 -19.76 19.25 -11.20
N ARG A 197 -19.56 20.42 -11.80
CA ARG A 197 -20.43 21.59 -11.54
C ARG A 197 -20.85 22.17 -12.89
N GLY A 198 -21.96 22.88 -12.91
CA GLY A 198 -22.34 23.63 -14.10
C GLY A 198 -21.28 24.65 -14.42
N LEU A 199 -20.72 25.28 -13.39
CA LEU A 199 -19.80 26.43 -13.60
C LEU A 199 -18.98 26.72 -12.35
N ALA A 200 -17.78 27.24 -12.56
CA ALA A 200 -16.88 27.72 -11.49
C ALA A 200 -16.59 29.20 -11.73
N ILE A 201 -16.62 29.97 -10.65
CA ILE A 201 -16.28 31.42 -10.72
C ILE A 201 -15.30 31.78 -9.59
N ASP A 202 -14.14 32.34 -9.94
CA ASP A 202 -13.16 32.87 -8.96
C ASP A 202 -12.67 31.79 -7.99
N THR A 203 -12.51 30.56 -8.48
CA THR A 203 -11.98 29.44 -7.65
C THR A 203 -10.57 29.81 -7.14
N TYR A 204 -9.78 30.47 -7.99
CA TYR A 204 -8.41 30.87 -7.59
C TYR A 204 -8.12 32.29 -8.09
N THR A 205 -8.40 33.28 -7.25
CA THR A 205 -8.19 34.72 -7.55
C THR A 205 -7.92 35.45 -6.22
N ASP A 206 -7.71 36.77 -6.26
CA ASP A 206 -7.41 37.57 -5.05
C ASP A 206 -8.72 38.01 -4.40
N SER A 207 -9.72 37.14 -4.38
CA SER A 207 -11.03 37.37 -3.75
C SER A 207 -11.77 36.02 -3.70
N LYS A 208 -12.83 35.95 -2.89
CA LYS A 208 -13.46 34.69 -2.43
C LYS A 208 -14.16 34.01 -3.62
N GLU A 209 -14.16 32.68 -3.68
CA GLU A 209 -14.89 31.93 -4.73
C GLU A 209 -16.38 32.28 -4.66
N GLU A 210 -17.03 32.38 -5.81
CA GLU A 210 -18.49 32.59 -5.96
C GLU A 210 -19.07 31.27 -6.47
N PHE A 211 -20.07 30.72 -5.81
CA PHE A 211 -20.65 29.40 -6.18
C PHE A 211 -22.02 29.62 -6.81
N PRO A 212 -22.11 29.52 -8.15
CA PRO A 212 -23.39 29.60 -8.82
C PRO A 212 -24.33 28.48 -8.36
N ASP A 213 -25.63 28.77 -8.43
CA ASP A 213 -26.65 27.77 -8.06
C ASP A 213 -27.55 27.39 -9.21
N PHE A 214 -27.92 26.10 -9.27
CA PHE A 214 -29.01 25.68 -10.16
C PHE A 214 -30.27 26.01 -9.34
N THR A 215 -31.10 26.93 -9.82
CA THR A 215 -32.32 27.40 -9.09
C THR A 215 -33.62 26.74 -9.61
N ALA A 216 -33.56 26.04 -10.73
CA ALA A 216 -34.73 25.36 -11.33
C ALA A 216 -34.26 24.30 -12.32
N PHE A 217 -35.02 23.22 -12.40
CA PHE A 217 -34.85 22.08 -13.32
C PHE A 217 -36.20 21.76 -13.96
N TRP A 218 -36.19 21.47 -15.25
CA TRP A 218 -37.32 21.02 -16.10
C TRP A 218 -36.97 19.62 -16.61
N PHE A 219 -37.78 18.60 -16.31
CA PHE A 219 -37.57 17.20 -16.70
C PHE A 219 -38.53 16.82 -17.84
N ASP A 220 -37.99 16.38 -18.99
CA ASP A 220 -38.80 15.67 -20.01
C ASP A 220 -39.29 14.37 -19.37
N THR A 221 -40.59 14.10 -19.48
CA THR A 221 -41.18 12.82 -19.03
C THR A 221 -40.50 11.72 -19.87
N VAL A 222 -39.99 10.69 -19.22
CA VAL A 222 -39.22 9.61 -19.89
C VAL A 222 -40.19 8.78 -20.70
N LYS A 223 -39.71 8.22 -21.81
CA LYS A 223 -40.47 7.22 -22.59
C LYS A 223 -40.32 5.87 -21.90
N PRO A 224 -41.30 4.95 -22.07
CA PRO A 224 -41.13 3.58 -21.62
C PRO A 224 -39.88 3.02 -22.32
N GLY A 225 -39.12 2.16 -21.63
CA GLY A 225 -37.95 1.46 -22.22
C GLY A 225 -36.70 2.31 -22.30
N ALA A 226 -36.81 3.64 -22.23
CA ALA A 226 -35.66 4.56 -22.44
C ALA A 226 -34.82 4.64 -21.15
N THR A 227 -33.51 4.58 -21.31
CA THR A 227 -32.51 4.81 -20.25
C THR A 227 -31.83 6.16 -20.51
N THR A 228 -32.33 6.96 -21.45
CA THR A 228 -31.93 8.37 -21.63
C THR A 228 -33.02 9.28 -21.06
N PHE A 229 -32.61 10.33 -20.34
CA PHE A 229 -33.53 11.43 -19.93
C PHE A 229 -32.88 12.76 -20.25
N THR A 230 -33.73 13.79 -20.34
CA THR A 230 -33.34 15.18 -20.61
C THR A 230 -33.78 16.05 -19.44
N VAL A 231 -32.84 16.79 -18.84
CA VAL A 231 -33.15 17.82 -17.82
C VAL A 231 -32.54 19.15 -18.29
N TYR A 232 -33.33 20.22 -18.21
CA TYR A 232 -32.89 21.63 -18.44
C TYR A 232 -32.70 22.30 -17.07
N ALA A 233 -31.74 23.20 -16.98
CA ALA A 233 -31.41 23.84 -15.68
C ALA A 233 -31.18 25.33 -15.88
N LEU A 234 -31.72 26.13 -14.94
CA LEU A 234 -31.43 27.57 -14.78
C LEU A 234 -30.31 27.72 -13.76
N LEU A 235 -29.23 28.37 -14.20
CA LEU A 235 -28.08 28.71 -13.33
C LEU A 235 -28.14 30.19 -13.03
N ASP A 236 -27.94 30.53 -11.75
CA ASP A 236 -28.09 31.89 -11.23
C ASP A 236 -26.98 32.13 -10.22
N SER A 237 -26.29 33.26 -10.36
CA SER A 237 -25.13 33.61 -9.50
C SER A 237 -24.96 35.12 -9.51
N ALA A 238 -24.32 35.68 -8.48
CA ALA A 238 -23.98 37.12 -8.39
C ALA A 238 -23.54 37.61 -9.76
N SER A 239 -22.62 36.90 -10.43
CA SER A 239 -21.87 37.46 -11.57
C SER A 239 -22.43 37.00 -12.92
N ILE A 240 -23.34 36.02 -12.96
CA ILE A 240 -23.64 35.28 -14.22
C ILE A 240 -24.92 34.42 -14.08
N THR A 241 -25.66 34.29 -15.17
CA THR A 241 -26.79 33.35 -15.31
C THR A 241 -26.50 32.35 -16.43
N GLY A 242 -27.18 31.22 -16.44
CA GLY A 242 -27.05 30.28 -17.55
C GLY A 242 -28.30 29.45 -17.79
N ALA A 243 -28.41 29.01 -19.04
CA ALA A 243 -29.41 28.06 -19.56
C ALA A 243 -28.63 26.79 -19.92
N TYR A 244 -28.95 25.68 -19.26
CA TYR A 244 -28.32 24.36 -19.46
C TYR A 244 -29.33 23.35 -19.98
N LYS A 245 -28.86 22.47 -20.87
CA LYS A 245 -29.57 21.28 -21.36
C LYS A 245 -28.67 20.08 -21.15
N PHE A 246 -29.13 19.08 -20.40
CA PHE A 246 -28.43 17.79 -20.23
C PHE A 246 -29.24 16.69 -20.92
N THR A 247 -28.65 16.04 -21.90
CA THR A 247 -29.17 14.75 -22.41
C THR A 247 -28.29 13.68 -21.76
N ILE A 248 -28.89 12.93 -20.84
CA ILE A 248 -28.15 12.01 -19.92
C ILE A 248 -28.49 10.59 -20.29
N HIS A 249 -27.49 9.86 -20.82
CA HIS A 249 -27.54 8.45 -21.27
C HIS A 249 -27.05 7.55 -20.13
N CYS A 250 -27.98 6.87 -19.48
CA CYS A 250 -27.65 5.90 -18.42
C CYS A 250 -27.39 4.53 -19.07
N GLU A 251 -26.20 4.40 -19.68
CA GLU A 251 -25.76 3.21 -20.44
C GLU A 251 -25.36 2.08 -19.47
N LYS A 252 -25.18 0.90 -20.04
CA LYS A 252 -24.87 -0.36 -19.29
C LYS A 252 -23.69 -0.13 -18.34
N SER A 253 -22.62 0.55 -18.74
CA SER A 253 -21.33 0.56 -18.00
C SER A 253 -20.90 1.98 -17.68
N GLN A 254 -21.74 2.96 -18.02
CA GLN A 254 -21.36 4.38 -17.86
C GLN A 254 -22.55 5.30 -18.05
N VAL A 255 -22.42 6.50 -17.52
CA VAL A 255 -23.36 7.61 -17.80
C VAL A 255 -22.64 8.58 -18.73
N ILE A 256 -23.25 8.89 -19.87
CA ILE A 256 -22.75 9.91 -20.83
C ILE A 256 -23.71 11.10 -20.82
N MET A 257 -23.20 12.30 -20.60
CA MET A 257 -24.03 13.52 -20.54
C MET A 257 -23.63 14.45 -21.69
N ASP A 258 -24.55 14.71 -22.63
CA ASP A 258 -24.43 15.78 -23.65
C ASP A 258 -24.89 17.08 -22.98
N VAL A 259 -23.93 17.98 -22.75
CA VAL A 259 -24.17 19.29 -22.08
C VAL A 259 -24.10 20.40 -23.12
N GLU A 260 -25.10 21.28 -23.14
CA GLU A 260 -25.10 22.57 -23.85
C GLU A 260 -25.44 23.66 -22.85
N ASN A 261 -24.68 24.75 -22.87
CA ASN A 261 -25.05 25.92 -22.02
C ASN A 261 -24.99 27.20 -22.85
N HIS A 262 -25.73 28.20 -22.38
CA HIS A 262 -25.69 29.62 -22.79
C HIS A 262 -25.50 30.45 -21.53
N LEU A 263 -24.45 31.27 -21.48
CA LEU A 263 -24.06 32.01 -20.26
C LEU A 263 -24.15 33.50 -20.57
N TYR A 264 -24.53 34.26 -19.56
CA TYR A 264 -24.80 35.71 -19.66
C TYR A 264 -24.17 36.38 -18.44
N ALA A 265 -23.12 37.16 -18.67
CA ALA A 265 -22.33 37.79 -17.58
C ALA A 265 -23.05 39.06 -17.10
N ARG A 266 -23.44 39.08 -15.83
CA ARG A 266 -23.95 40.29 -15.15
C ARG A 266 -22.81 41.28 -14.90
N LYS A 267 -21.59 40.78 -14.67
CA LYS A 267 -20.43 41.55 -14.15
C LYS A 267 -19.15 41.09 -14.84
N ASP A 268 -18.08 41.89 -14.74
CA ASP A 268 -16.70 41.44 -15.01
C ASP A 268 -16.47 40.20 -14.12
N ILE A 269 -15.69 39.25 -14.59
CA ILE A 269 -15.38 37.99 -13.86
C ILE A 269 -13.87 37.78 -13.97
N LYS A 270 -13.18 37.69 -12.82
CA LYS A 270 -11.72 37.47 -12.76
C LYS A 270 -11.37 36.07 -13.31
N GLN A 271 -12.20 35.05 -13.06
CA GLN A 271 -11.94 33.65 -13.49
C GLN A 271 -13.26 32.94 -13.77
N LEU A 272 -13.53 32.66 -15.05
CA LEU A 272 -14.62 31.81 -15.55
C LEU A 272 -14.09 30.38 -15.74
N GLY A 273 -14.65 29.41 -14.99
CA GLY A 273 -14.34 27.97 -15.09
C GLY A 273 -15.42 27.17 -15.83
N ILE A 274 -15.09 26.66 -17.02
CA ILE A 274 -16.01 25.88 -17.91
C ILE A 274 -15.82 24.39 -17.66
N ALA A 275 -16.92 23.65 -17.66
CA ALA A 275 -17.02 22.19 -17.44
C ALA A 275 -16.22 21.80 -16.19
N PRO A 276 -16.39 22.49 -15.05
CA PRO A 276 -15.56 22.21 -13.89
C PRO A 276 -15.86 20.79 -13.36
N MET A 277 -14.80 20.16 -12.87
CA MET A 277 -14.83 18.88 -12.12
C MET A 277 -14.28 19.16 -10.72
N THR A 278 -14.66 18.34 -9.75
CA THR A 278 -14.26 18.56 -8.34
C THR A 278 -14.08 17.18 -7.71
N SER A 279 -12.94 16.96 -7.11
CA SER A 279 -12.59 15.64 -6.59
C SER A 279 -11.85 15.81 -5.28
N MET A 280 -11.11 14.78 -4.91
CA MET A 280 -10.44 14.67 -3.61
C MET A 280 -9.25 13.73 -3.80
N PHE A 281 -8.12 14.15 -3.25
CA PHE A 281 -6.89 13.36 -3.19
C PHE A 281 -6.26 13.65 -1.83
N SER A 282 -6.30 12.63 -0.96
CA SER A 282 -5.77 12.71 0.42
C SER A 282 -4.40 12.04 0.48
N CYS A 283 -4.31 10.79 0.00
CA CYS A 283 -3.10 9.93 0.09
C CYS A 283 -3.03 9.00 -1.12
N GLY A 284 -1.92 9.05 -1.87
CA GLY A 284 -1.69 8.12 -3.00
C GLY A 284 -0.30 7.51 -2.93
N THR A 285 0.30 7.23 -4.09
CA THR A 285 1.66 6.64 -4.15
C THR A 285 2.71 7.74 -4.09
N ASN A 286 2.30 8.99 -4.32
CA ASN A 286 3.23 10.14 -4.53
C ASN A 286 3.21 11.10 -3.33
N GLU A 287 4.39 11.34 -2.74
CA GLU A 287 4.57 12.37 -1.68
C GLU A 287 3.49 12.18 -0.60
N ARG A 288 3.68 11.10 0.17
CA ARG A 288 2.69 10.50 1.09
C ARG A 288 2.73 11.26 2.42
N ARG A 289 2.42 12.55 2.43
CA ARG A 289 2.43 13.34 3.67
C ARG A 289 1.18 13.11 4.53
N MET A 290 0.11 12.56 3.97
CA MET A 290 -1.16 12.49 4.74
C MET A 290 -1.74 11.09 4.66
N CYS A 291 -1.02 10.12 5.19
CA CYS A 291 -1.26 8.69 4.92
C CYS A 291 -1.39 7.93 6.24
N ASP A 292 -1.75 8.61 7.33
CA ASP A 292 -1.80 7.99 8.66
C ASP A 292 -3.20 7.42 8.94
N THR A 293 -3.67 6.51 8.08
CA THR A 293 -4.91 5.76 8.26
C THR A 293 -4.65 4.27 8.00
N ILE A 294 -5.66 3.43 8.20
CA ILE A 294 -5.63 1.96 7.89
C ILE A 294 -5.66 1.73 6.38
N HIS A 295 -5.79 2.80 5.56
CA HIS A 295 -5.99 2.73 4.09
C HIS A 295 -4.67 3.07 3.41
N PRO A 296 -4.08 2.15 2.61
CA PRO A 296 -2.85 2.47 1.88
C PRO A 296 -3.03 3.70 0.97
N GLN A 297 -4.23 3.92 0.42
CA GLN A 297 -4.56 5.12 -0.42
C GLN A 297 -5.98 5.58 -0.13
N ILE A 298 -6.20 6.88 -0.24
CA ILE A 298 -7.52 7.56 -0.16
C ILE A 298 -7.53 8.68 -1.21
N HIS A 299 -8.38 8.54 -2.22
CA HIS A 299 -8.64 9.57 -3.24
C HIS A 299 -9.86 9.12 -4.06
N ASP A 300 -10.63 10.08 -4.56
CA ASP A 300 -11.75 9.91 -5.54
C ASP A 300 -11.15 9.88 -6.95
N SER A 301 -10.00 10.50 -7.12
CA SER A 301 -9.18 10.55 -8.36
C SER A 301 -7.69 10.46 -7.98
N ASP A 302 -6.86 9.96 -8.90
CA ASP A 302 -5.38 9.94 -8.73
C ASP A 302 -4.71 10.91 -9.70
N ARG A 303 -5.35 11.31 -10.81
CA ARG A 303 -4.63 12.10 -11.84
C ARG A 303 -5.54 13.00 -12.67
N LEU A 304 -4.95 14.07 -13.22
CA LEU A 304 -5.50 14.88 -14.33
C LEU A 304 -4.90 14.31 -15.62
N SER A 305 -5.74 13.94 -16.57
CA SER A 305 -5.36 13.42 -17.92
C SER A 305 -5.82 14.47 -18.92
N MET A 306 -4.91 15.00 -19.73
CA MET A 306 -5.24 15.99 -20.78
C MET A 306 -4.82 15.47 -22.16
N TRP A 307 -5.76 15.50 -23.09
CA TRP A 307 -5.52 15.26 -24.52
C TRP A 307 -5.54 16.65 -25.17
N ARG A 308 -4.37 17.21 -25.44
CA ARG A 308 -4.14 18.62 -25.82
C ARG A 308 -4.46 18.81 -27.31
N GLY A 309 -4.66 20.07 -27.73
CA GLY A 309 -4.99 20.42 -29.13
C GLY A 309 -3.97 19.92 -30.14
N ASN A 310 -2.71 19.76 -29.73
CA ASN A 310 -1.62 19.33 -30.65
C ASN A 310 -1.47 17.81 -30.60
N GLY A 311 -2.36 17.12 -29.87
CA GLY A 311 -2.46 15.64 -29.84
C GLY A 311 -1.62 15.03 -28.74
N GLU A 312 -0.91 15.85 -27.96
CA GLU A 312 -0.10 15.39 -26.80
C GLU A 312 -1.04 14.89 -25.69
N TRP A 313 -0.67 13.77 -25.07
CA TRP A 313 -1.31 13.23 -23.85
C TRP A 313 -0.45 13.61 -22.65
N ILE A 314 -1.05 14.25 -21.65
CA ILE A 314 -0.40 14.55 -20.35
C ILE A 314 -1.09 13.74 -19.25
N CYS A 315 -0.29 13.10 -18.40
CA CYS A 315 -0.67 12.48 -17.10
C CYS A 315 -0.04 13.34 -15.99
N ARG A 316 -0.88 14.06 -15.25
CA ARG A 316 -0.47 14.93 -14.10
C ARG A 316 -0.96 14.29 -12.82
N PRO A 317 -0.12 13.51 -12.09
CA PRO A 317 -0.54 12.93 -10.81
C PRO A 317 -0.97 14.10 -9.89
N LEU A 318 -2.09 13.91 -9.19
CA LEU A 318 -2.66 14.88 -8.21
C LEU A 318 -1.83 14.87 -6.94
N ASN A 319 -1.78 16.00 -6.25
CA ASN A 319 -1.06 16.15 -4.97
C ASN A 319 -2.06 16.46 -3.86
N ASN A 320 -1.69 16.08 -2.63
CA ASN A 320 -2.22 16.67 -1.39
C ASN A 320 -1.11 17.55 -0.85
N PRO A 321 -1.00 18.83 -1.31
CA PRO A 321 0.12 19.69 -0.95
C PRO A 321 -0.04 20.22 0.48
N GLN A 322 1.06 20.60 1.11
CA GLN A 322 1.02 21.30 2.42
C GLN A 322 0.41 22.71 2.29
N LYS A 323 0.58 23.35 1.13
CA LYS A 323 0.11 24.73 0.90
C LYS A 323 -0.74 24.74 -0.38
N LEU A 324 -1.86 25.45 -0.33
CA LEU A 324 -2.80 25.64 -1.46
C LEU A 324 -1.99 25.89 -2.74
N GLN A 325 -2.33 25.19 -3.82
CA GLN A 325 -1.59 25.26 -5.10
C GLN A 325 -2.60 25.44 -6.24
N PHE A 326 -2.20 26.24 -7.23
CA PHE A 326 -2.92 26.41 -8.52
C PHE A 326 -1.93 26.25 -9.65
N ASN A 327 -2.34 25.55 -10.71
CA ASN A 327 -1.55 25.46 -11.96
C ASN A 327 -2.53 25.74 -13.10
N ALA A 328 -2.05 26.47 -14.11
CA ALA A 328 -2.74 26.75 -15.37
C ALA A 328 -1.92 26.11 -16.50
N TYR A 329 -2.51 25.15 -17.22
CA TYR A 329 -1.86 24.39 -18.31
C TYR A 329 -2.41 24.94 -19.63
N THR A 330 -1.60 25.79 -20.30
CA THR A 330 -1.88 26.44 -21.60
C THR A 330 -2.27 25.37 -22.61
N ASP A 331 -3.32 25.60 -23.38
CA ASP A 331 -3.77 24.71 -24.46
C ASP A 331 -4.53 25.56 -25.49
N ASN A 332 -4.83 24.93 -26.61
CA ASN A 332 -5.48 25.59 -27.75
C ASN A 332 -6.30 24.51 -28.43
N ASN A 333 -7.62 24.65 -28.39
CA ASN A 333 -8.57 23.66 -28.95
C ASN A 333 -8.36 22.31 -28.28
N PRO A 334 -8.50 22.23 -26.95
CA PRO A 334 -8.30 20.96 -26.23
C PRO A 334 -9.27 19.88 -26.73
N LYS A 335 -8.79 18.64 -26.81
CA LYS A 335 -9.56 17.50 -27.34
C LYS A 335 -10.31 16.79 -26.21
N GLY A 336 -9.72 16.75 -25.01
CA GLY A 336 -10.37 16.15 -23.84
C GLY A 336 -9.55 16.42 -22.60
N PHE A 337 -10.17 16.39 -21.43
CA PHE A 337 -9.46 16.43 -20.14
C PHE A 337 -10.33 15.78 -19.07
N GLY A 338 -9.70 15.23 -18.05
CA GLY A 338 -10.43 14.39 -17.09
C GLY A 338 -9.69 14.21 -15.80
N LEU A 339 -10.43 13.98 -14.71
CA LEU A 339 -9.89 13.47 -13.44
C LEU A 339 -10.19 11.96 -13.35
N LEU A 340 -9.15 11.14 -13.35
CA LEU A 340 -9.28 9.68 -13.54
C LEU A 340 -8.93 8.99 -12.23
N GLN A 341 -9.60 7.89 -11.99
CA GLN A 341 -9.33 6.93 -10.88
C GLN A 341 -8.90 5.61 -11.54
N LEU A 342 -7.63 5.46 -11.90
CA LEU A 342 -7.18 4.28 -12.70
C LEU A 342 -6.64 3.15 -11.81
N ASP A 343 -6.42 3.36 -10.51
CA ASP A 343 -6.10 2.26 -9.57
C ASP A 343 -7.42 1.63 -9.08
N ARG A 344 -7.75 0.43 -9.57
CA ARG A 344 -9.04 -0.25 -9.32
C ARG A 344 -8.86 -1.36 -8.29
N ASP A 345 -7.69 -1.44 -7.63
CA ASP A 345 -7.34 -2.60 -6.75
C ASP A 345 -7.85 -2.29 -5.33
N PHE A 346 -8.92 -2.96 -4.92
CA PHE A 346 -9.44 -2.82 -3.53
C PHE A 346 -8.29 -2.83 -2.50
N SER A 347 -7.33 -3.77 -2.63
CA SER A 347 -6.27 -4.00 -1.62
C SER A 347 -5.44 -2.72 -1.44
N HIS A 348 -5.45 -1.81 -2.42
CA HIS A 348 -4.70 -0.52 -2.35
C HIS A 348 -5.49 0.54 -1.58
N TYR A 349 -6.75 0.30 -1.20
CA TYR A 349 -7.53 1.29 -0.40
C TYR A 349 -8.05 0.69 0.91
N GLN A 350 -8.57 -0.54 0.90
CA GLN A 350 -9.02 -1.27 2.11
C GLN A 350 -10.24 -0.59 2.73
N ASP A 351 -11.00 0.18 1.93
CA ASP A 351 -12.16 0.99 2.38
C ASP A 351 -13.43 0.22 2.02
N ILE A 352 -14.05 -0.38 3.04
CA ILE A 352 -15.32 -1.17 2.88
C ILE A 352 -16.52 -0.28 3.18
N MET A 353 -16.33 1.03 3.34
CA MET A 353 -17.43 2.03 3.46
C MET A 353 -17.61 2.86 2.17
N GLY A 354 -16.55 3.52 1.70
CA GLY A 354 -16.57 4.42 0.52
C GLY A 354 -16.23 3.71 -0.78
N TRP A 355 -15.57 2.54 -0.70
CA TRP A 355 -15.18 1.77 -1.88
C TRP A 355 -14.48 2.69 -2.90
N TYR A 356 -13.36 3.34 -2.53
CA TYR A 356 -12.67 4.30 -3.45
C TYR A 356 -12.32 3.60 -4.77
N ASN A 357 -12.00 2.31 -4.74
CA ASN A 357 -11.51 1.52 -5.90
C ASN A 357 -12.63 1.31 -6.93
N LYS A 358 -13.88 1.55 -6.54
CA LYS A 358 -15.04 1.43 -7.44
C LYS A 358 -15.47 2.80 -7.99
N ARG A 359 -14.80 3.90 -7.63
CA ARG A 359 -15.28 5.27 -7.92
C ARG A 359 -14.91 5.67 -9.34
N PRO A 360 -15.79 6.41 -10.05
CA PRO A 360 -15.58 6.62 -11.48
C PRO A 360 -14.50 7.64 -11.83
N SER A 361 -14.01 7.51 -13.07
CA SER A 361 -13.32 8.59 -13.80
C SER A 361 -14.35 9.53 -14.42
N LEU A 362 -13.95 10.76 -14.75
CA LEU A 362 -14.81 11.76 -15.44
C LEU A 362 -13.99 12.40 -16.56
N TRP A 363 -14.46 12.21 -17.80
CA TRP A 363 -13.88 12.71 -19.07
C TRP A 363 -14.78 13.79 -19.67
N VAL A 364 -14.20 14.98 -19.89
CA VAL A 364 -14.83 16.14 -20.58
C VAL A 364 -14.32 16.10 -22.03
N GLU A 365 -15.25 16.01 -22.97
CA GLU A 365 -14.95 16.06 -24.42
C GLU A 365 -15.61 17.32 -24.98
N PRO A 366 -14.88 18.41 -25.24
CA PRO A 366 -15.46 19.54 -25.96
C PRO A 366 -16.07 19.05 -27.27
N ARG A 367 -17.21 19.60 -27.64
CA ARG A 367 -17.89 19.24 -28.91
C ARG A 367 -17.56 20.29 -29.97
N ASN A 368 -16.76 21.30 -29.65
CA ASN A 368 -16.24 22.28 -30.65
C ASN A 368 -14.79 22.65 -30.33
N LYS A 369 -14.19 23.45 -31.22
CA LYS A 369 -12.88 24.12 -30.98
C LYS A 369 -13.10 25.19 -29.91
N TRP A 370 -12.42 25.11 -28.78
CA TRP A 370 -12.62 26.10 -27.69
C TRP A 370 -11.60 27.22 -27.74
N GLY A 371 -10.64 27.16 -28.66
CA GLY A 371 -9.62 28.21 -28.85
C GLY A 371 -8.61 28.20 -27.73
N LYS A 372 -7.99 29.36 -27.48
CA LYS A 372 -6.90 29.49 -26.48
C LYS A 372 -7.47 29.61 -25.05
N GLY A 373 -6.71 29.12 -24.09
CA GLY A 373 -7.04 29.15 -22.66
C GLY A 373 -6.17 28.18 -21.88
N THR A 374 -6.60 27.85 -20.67
CA THR A 374 -5.83 27.00 -19.73
C THR A 374 -6.78 26.00 -19.10
N ILE A 375 -6.28 24.79 -18.89
CA ILE A 375 -6.86 23.86 -17.89
C ILE A 375 -6.33 24.31 -16.54
N GLY A 376 -7.20 24.94 -15.73
CA GLY A 376 -6.97 25.26 -14.31
C GLY A 376 -6.99 23.99 -13.45
N LEU A 377 -6.03 23.86 -12.55
CA LEU A 377 -6.02 22.81 -11.50
C LEU A 377 -5.75 23.45 -10.14
N MET A 378 -6.68 23.34 -9.20
CA MET A 378 -6.41 23.78 -7.81
C MET A 378 -6.33 22.54 -6.90
N GLU A 379 -5.29 22.48 -6.07
CA GLU A 379 -5.08 21.45 -5.03
C GLU A 379 -5.04 22.14 -3.66
N ILE A 380 -6.00 21.80 -2.80
CA ILE A 380 -6.18 22.32 -1.43
C ILE A 380 -5.56 21.29 -0.49
N PRO A 381 -4.79 21.69 0.54
CA PRO A 381 -4.36 20.74 1.56
C PRO A 381 -5.54 20.11 2.31
N THR A 382 -5.53 18.79 2.54
CA THR A 382 -6.59 18.09 3.32
C THR A 382 -5.95 17.15 4.33
N THR A 383 -6.67 16.88 5.43
CA THR A 383 -6.26 15.93 6.49
C THR A 383 -7.10 14.64 6.42
N GLY A 384 -7.94 14.53 5.39
CA GLY A 384 -8.95 13.45 5.36
C GLY A 384 -9.67 13.35 4.04
N GLU A 385 -10.96 13.05 4.11
CA GLU A 385 -11.81 12.61 2.98
C GLU A 385 -12.86 13.68 2.62
N THR A 386 -13.39 14.42 3.60
CA THR A 386 -14.64 15.20 3.42
C THR A 386 -14.38 16.51 2.65
N LEU A 387 -13.14 17.01 2.62
CA LEU A 387 -12.83 18.27 1.87
C LEU A 387 -12.61 17.91 0.39
N ASN A 388 -13.38 18.53 -0.50
CA ASN A 388 -13.24 18.37 -1.96
C ASN A 388 -12.02 19.21 -2.38
N ASN A 389 -10.83 18.61 -2.34
CA ASN A 389 -9.55 19.38 -2.29
C ASN A 389 -8.95 19.52 -3.69
N ILE A 390 -9.68 19.08 -4.72
CA ILE A 390 -9.22 19.06 -6.14
C ILE A 390 -10.25 19.77 -7.01
N VAL A 391 -9.84 20.82 -7.73
CA VAL A 391 -10.74 21.53 -8.71
C VAL A 391 -10.05 21.60 -10.07
N CYS A 392 -10.79 21.28 -11.13
CA CYS A 392 -10.28 21.33 -12.51
C CYS A 392 -11.34 21.91 -13.43
N PHE A 393 -10.94 22.86 -14.27
CA PHE A 393 -11.83 23.49 -15.26
C PHE A 393 -11.02 24.04 -16.43
N TRP A 394 -11.75 24.42 -17.48
CA TRP A 394 -11.25 25.16 -18.66
C TRP A 394 -11.49 26.66 -18.46
N GLN A 395 -10.42 27.46 -18.54
CA GLN A 395 -10.52 28.93 -18.47
C GLN A 395 -10.16 29.54 -19.82
N PRO A 396 -11.15 30.08 -20.57
CA PRO A 396 -10.86 30.76 -21.83
C PRO A 396 -9.79 31.84 -21.65
N GLU A 397 -9.01 32.12 -22.69
CA GLU A 397 -7.98 33.18 -22.67
C GLU A 397 -8.62 34.55 -22.39
N LYS A 398 -9.77 34.86 -22.99
CA LYS A 398 -10.28 36.26 -23.00
C LYS A 398 -10.90 36.63 -21.64
N ALA A 399 -10.47 37.76 -21.08
CA ALA A 399 -11.04 38.40 -19.88
C ALA A 399 -12.56 38.54 -20.06
N VAL A 400 -13.33 38.11 -19.07
CA VAL A 400 -14.81 38.13 -19.13
C VAL A 400 -15.30 39.50 -18.65
N LYS A 401 -16.24 40.09 -19.38
CA LYS A 401 -16.76 41.47 -19.14
C LYS A 401 -18.26 41.39 -18.94
N ALA A 402 -18.80 42.27 -18.09
CA ALA A 402 -20.25 42.52 -17.95
C ALA A 402 -20.89 42.59 -19.34
N GLY A 403 -21.97 41.84 -19.56
CA GLY A 403 -22.65 41.81 -20.86
C GLY A 403 -22.18 40.67 -21.76
N ASP A 404 -21.05 40.03 -21.51
CA ASP A 404 -20.54 38.96 -22.41
C ASP A 404 -21.52 37.77 -22.40
N GLU A 405 -21.63 37.07 -23.53
CA GLU A 405 -22.44 35.83 -23.62
C GLU A 405 -21.53 34.72 -24.17
N PHE A 406 -21.75 33.49 -23.73
CA PHE A 406 -20.98 32.30 -24.18
C PHE A 406 -21.94 31.16 -24.43
N ALA A 407 -21.52 30.24 -25.28
CA ALA A 407 -22.20 28.95 -25.50
C ALA A 407 -21.11 27.90 -25.64
N PHE A 408 -21.20 26.84 -24.83
CA PHE A 408 -20.31 25.68 -24.86
C PHE A 408 -21.15 24.43 -25.01
N GLN A 409 -20.62 23.49 -25.78
CA GLN A 409 -21.17 22.12 -25.89
C GLN A 409 -20.07 21.16 -25.48
N TYR A 410 -20.36 20.25 -24.55
CA TYR A 410 -19.37 19.20 -24.18
C TYR A 410 -20.10 17.92 -23.76
N ARG A 411 -19.42 16.80 -23.87
CA ARG A 411 -19.91 15.50 -23.38
C ARG A 411 -19.15 15.12 -22.12
N LEU A 412 -19.84 14.54 -21.13
CA LEU A 412 -19.23 14.09 -19.86
C LEU A 412 -19.40 12.58 -19.84
N TYR A 413 -18.32 11.85 -19.60
CA TYR A 413 -18.33 10.37 -19.49
C TYR A 413 -18.00 9.98 -18.06
N TRP A 414 -18.95 9.35 -17.37
CA TRP A 414 -18.79 8.84 -15.99
C TRP A 414 -18.61 7.32 -16.12
N SER A 415 -17.35 6.86 -15.98
CA SER A 415 -16.96 5.44 -16.09
C SER A 415 -15.56 5.19 -15.51
N ALA A 416 -15.35 3.97 -15.03
CA ALA A 416 -14.07 3.44 -14.50
C ALA A 416 -12.93 3.98 -15.38
N GLN A 417 -13.03 3.75 -16.69
CA GLN A 417 -12.00 4.21 -17.68
C GLN A 417 -12.59 5.32 -18.56
N PRO A 418 -11.81 6.33 -18.97
CA PRO A 418 -12.30 7.33 -19.90
C PRO A 418 -12.47 6.68 -21.26
N PRO A 419 -13.29 7.28 -22.18
CA PRO A 419 -13.55 6.66 -23.47
C PRO A 419 -12.34 6.65 -24.42
N VAL A 420 -11.35 7.48 -24.11
CA VAL A 420 -10.11 7.63 -24.93
C VAL A 420 -8.93 7.69 -23.97
N HIS A 421 -7.79 7.20 -24.43
CA HIS A 421 -6.53 7.19 -23.65
C HIS A 421 -5.39 7.30 -24.66
N CYS A 422 -4.21 7.64 -24.20
CA CYS A 422 -3.00 7.67 -25.06
C CYS A 422 -2.82 6.30 -25.71
N PRO A 423 -2.64 6.21 -27.05
CA PRO A 423 -2.35 4.94 -27.71
C PRO A 423 -0.90 4.48 -27.51
N LEU A 424 -0.02 5.37 -27.06
CA LEU A 424 1.39 5.06 -26.74
C LEU A 424 1.43 4.45 -25.34
N ALA A 425 2.62 4.23 -24.77
CA ALA A 425 2.76 3.74 -23.39
C ALA A 425 2.07 4.73 -22.45
N ARG A 426 1.48 4.23 -21.35
CA ARG A 426 0.71 5.06 -20.39
C ARG A 426 1.35 4.97 -18.99
N VAL A 427 1.20 6.01 -18.16
CA VAL A 427 1.71 6.03 -16.76
C VAL A 427 0.79 5.11 -15.96
N MET A 428 1.31 4.07 -15.33
CA MET A 428 0.44 3.26 -14.43
C MET A 428 0.44 3.89 -13.04
N ALA A 429 1.58 4.40 -12.56
CA ALA A 429 1.66 4.96 -11.20
C ALA A 429 2.94 5.79 -11.05
N THR A 430 2.92 6.71 -10.08
CA THR A 430 4.05 7.60 -9.73
C THR A 430 4.38 7.42 -8.23
N ARG A 431 5.57 6.91 -7.94
CA ARG A 431 5.98 6.58 -6.56
C ARG A 431 7.12 7.51 -6.14
N THR A 432 7.13 7.95 -4.88
CA THR A 432 8.20 8.82 -4.33
C THR A 432 8.63 8.29 -2.97
N GLY A 433 9.89 8.52 -2.63
CA GLY A 433 10.46 8.05 -1.36
C GLY A 433 11.86 8.58 -1.21
N MET A 434 12.60 8.10 -0.22
CA MET A 434 14.03 8.45 -0.07
C MET A 434 14.84 7.90 -1.25
N GLY A 435 15.80 8.68 -1.75
CA GLY A 435 16.87 8.17 -2.61
C GLY A 435 18.19 8.05 -1.87
N GLY A 436 19.27 7.88 -2.62
CA GLY A 436 20.65 7.95 -2.08
C GLY A 436 21.10 6.59 -1.59
N PHE A 437 20.59 5.51 -2.17
CA PHE A 437 20.98 4.11 -1.87
C PHE A 437 20.52 3.23 -3.03
N SER A 438 21.03 2.01 -3.11
CA SER A 438 20.59 1.00 -4.10
C SER A 438 19.37 0.24 -3.59
N GLU A 439 18.41 0.06 -4.49
CA GLU A 439 17.18 -0.75 -4.29
C GLU A 439 17.58 -2.14 -3.81
N GLY A 440 16.92 -2.64 -2.76
CA GLY A 440 17.20 -3.94 -2.14
C GLY A 440 18.28 -3.83 -1.08
N TRP A 441 18.93 -2.66 -0.96
CA TRP A 441 20.09 -2.46 -0.04
C TRP A 441 19.94 -1.12 0.71
N ALA A 442 18.73 -0.65 0.95
CA ALA A 442 18.43 0.51 1.83
C ALA A 442 19.07 0.27 3.19
N PRO A 443 19.98 1.17 3.66
CA PRO A 443 20.68 0.94 4.92
C PRO A 443 19.67 0.94 6.07
N GLY A 444 19.72 -0.10 6.91
CA GLY A 444 18.91 -0.22 8.15
C GLY A 444 19.68 0.30 9.35
N GLU A 445 20.99 0.30 9.27
CA GLU A 445 21.90 0.72 10.38
C GLU A 445 21.86 2.23 10.53
N HIS A 446 21.50 2.96 9.47
CA HIS A 446 21.49 4.45 9.42
C HIS A 446 20.70 4.88 8.19
N TYR A 447 20.27 6.13 8.16
CA TYR A 447 19.65 6.75 6.97
C TYR A 447 20.70 6.98 5.88
N PRO A 448 20.26 7.18 4.62
CA PRO A 448 21.20 7.54 3.55
C PRO A 448 22.04 8.76 3.99
N GLU A 449 23.32 8.78 3.61
CA GLU A 449 24.27 9.87 3.97
C GLU A 449 23.88 11.16 3.23
N LYS A 450 23.31 11.03 2.03
CA LYS A 450 22.93 12.21 1.22
C LYS A 450 21.41 12.24 1.06
N TRP A 451 20.87 13.46 1.00
CA TRP A 451 19.43 13.69 0.79
C TRP A 451 19.11 13.80 -0.70
N ALA A 452 18.19 12.96 -1.18
CA ALA A 452 17.65 12.95 -2.55
C ALA A 452 16.23 12.40 -2.48
N ARG A 453 15.36 12.80 -3.39
CA ARG A 453 13.99 12.21 -3.44
C ARG A 453 13.95 11.22 -4.59
N ARG A 454 13.60 9.96 -4.32
CA ARG A 454 13.49 8.93 -5.41
C ARG A 454 12.13 9.07 -6.09
N PHE A 455 12.13 9.04 -7.43
CA PHE A 455 10.92 8.95 -8.29
C PHE A 455 10.97 7.64 -9.07
N ALA A 456 9.83 6.94 -9.10
CA ALA A 456 9.57 5.72 -9.88
C ALA A 456 8.29 5.98 -10.65
N VAL A 457 8.40 6.05 -11.98
CA VAL A 457 7.24 6.17 -12.89
C VAL A 457 7.13 4.86 -13.64
N ASP A 458 6.05 4.11 -13.39
CA ASP A 458 5.76 2.80 -14.02
C ASP A 458 4.92 3.05 -15.28
N PHE A 459 5.38 2.55 -16.42
CA PHE A 459 4.68 2.65 -17.73
C PHE A 459 4.19 1.27 -18.18
N VAL A 460 3.02 1.22 -18.79
CA VAL A 460 2.43 -0.04 -19.34
C VAL A 460 1.89 0.24 -20.74
N GLY A 461 1.68 -0.81 -21.52
CA GLY A 461 0.92 -0.76 -22.79
C GLY A 461 1.69 -0.07 -23.91
N GLY A 462 0.98 0.62 -24.80
CA GLY A 462 1.49 1.06 -26.11
C GLY A 462 2.37 -0.02 -26.74
N ASP A 463 3.62 0.32 -27.06
CA ASP A 463 4.51 -0.47 -27.94
C ASP A 463 5.79 -0.85 -27.18
N LEU A 464 5.77 -0.82 -25.86
CA LEU A 464 6.97 -1.07 -25.03
C LEU A 464 7.56 -2.44 -25.36
N LYS A 465 6.74 -3.46 -25.62
CA LYS A 465 7.21 -4.85 -25.89
C LYS A 465 8.22 -4.79 -27.05
N ALA A 466 7.78 -4.29 -28.20
CA ALA A 466 8.54 -4.15 -29.46
C ALA A 466 9.67 -3.11 -29.31
N ALA A 467 9.47 -2.05 -28.51
CA ALA A 467 10.43 -0.92 -28.37
C ALA A 467 11.62 -1.32 -27.52
N ALA A 468 11.39 -2.20 -26.54
CA ALA A 468 12.33 -2.55 -25.46
C ALA A 468 13.68 -2.99 -26.04
N PRO A 469 13.75 -4.02 -26.92
CA PRO A 469 15.03 -4.40 -27.50
C PRO A 469 15.63 -3.38 -28.49
N LYS A 470 14.98 -2.24 -28.77
CA LYS A 470 15.53 -1.18 -29.65
C LYS A 470 16.12 -0.05 -28.81
N GLY A 471 15.89 -0.03 -27.50
CA GLY A 471 16.40 1.03 -26.61
C GLY A 471 15.31 2.04 -26.26
N ILE A 472 14.85 1.99 -25.02
CA ILE A 472 13.93 3.01 -24.45
C ILE A 472 14.77 4.01 -23.67
N GLU A 473 14.63 5.30 -23.94
CA GLU A 473 15.30 6.34 -23.12
C GLU A 473 14.23 7.26 -22.53
N PRO A 474 14.35 7.64 -21.24
CA PRO A 474 13.50 8.67 -20.66
C PRO A 474 14.02 10.05 -21.05
N VAL A 475 13.14 10.96 -21.42
CA VAL A 475 13.50 12.39 -21.65
C VAL A 475 12.96 13.18 -20.45
N ILE A 476 13.84 13.57 -19.53
CA ILE A 476 13.47 14.18 -18.22
C ILE A 476 13.89 15.64 -18.22
N THR A 477 12.95 16.52 -17.86
CA THR A 477 13.18 17.97 -17.72
C THR A 477 12.72 18.39 -16.33
N LEU A 478 13.47 19.30 -15.72
CA LEU A 478 13.22 19.77 -14.35
C LEU A 478 13.27 21.30 -14.37
N SER A 479 12.45 21.96 -13.54
CA SER A 479 12.55 23.42 -13.31
C SER A 479 13.75 23.70 -12.41
N SER A 480 14.26 22.70 -11.71
CA SER A 480 15.35 22.87 -10.71
C SER A 480 15.91 21.50 -10.30
N GLY A 481 17.09 21.49 -9.70
CA GLY A 481 17.74 20.25 -9.23
C GLY A 481 18.26 19.43 -10.38
N GLU A 482 18.64 18.18 -10.09
CA GLU A 482 19.27 17.27 -11.07
C GLU A 482 18.67 15.87 -10.90
N ALA A 483 18.43 15.20 -12.02
CA ALA A 483 17.99 13.79 -12.06
C ALA A 483 19.25 12.93 -12.20
N LYS A 484 19.50 12.05 -11.22
CA LYS A 484 20.68 11.17 -11.18
C LYS A 484 20.25 9.72 -10.95
N GLN A 485 21.18 8.78 -11.13
CA GLN A 485 20.97 7.31 -11.06
C GLN A 485 19.66 7.01 -11.82
N ILE A 486 19.53 7.55 -13.02
CA ILE A 486 18.36 7.31 -13.91
C ILE A 486 18.45 5.85 -14.37
N GLU A 487 17.43 5.04 -14.08
CA GLU A 487 17.36 3.63 -14.52
C GLU A 487 16.05 3.37 -15.26
N ILE A 488 16.11 2.50 -16.27
CA ILE A 488 14.94 1.91 -16.99
C ILE A 488 14.97 0.43 -16.63
N LEU A 489 13.90 -0.09 -16.02
CA LEU A 489 13.84 -1.44 -15.38
C LEU A 489 12.54 -2.15 -15.82
N TYR A 490 12.63 -3.41 -16.20
CA TYR A 490 11.47 -4.24 -16.60
C TYR A 490 10.67 -4.59 -15.34
N ILE A 491 9.34 -4.45 -15.38
CA ILE A 491 8.46 -4.88 -14.26
C ILE A 491 7.59 -6.03 -14.79
N GLU A 492 8.08 -7.27 -14.65
CA GLU A 492 7.40 -8.49 -15.15
C GLU A 492 5.93 -8.47 -14.72
N PRO A 493 5.56 -8.27 -13.42
CA PRO A 493 4.16 -8.43 -13.02
C PRO A 493 3.12 -7.56 -13.73
N ILE A 494 3.49 -6.39 -14.26
CA ILE A 494 2.60 -5.50 -15.05
C ILE A 494 3.06 -5.50 -16.53
N ASP A 495 4.06 -6.31 -16.85
CA ASP A 495 4.71 -6.37 -18.19
C ASP A 495 4.98 -4.93 -18.65
N GLY A 496 5.66 -4.14 -17.84
CA GLY A 496 5.88 -2.70 -18.06
C GLY A 496 7.30 -2.31 -17.74
N TYR A 497 7.59 -1.01 -17.80
CA TYR A 497 8.92 -0.45 -17.51
C TYR A 497 8.79 0.63 -16.44
N ARG A 498 9.62 0.52 -15.40
CA ARG A 498 9.83 1.58 -14.39
C ARG A 498 10.92 2.52 -14.90
N ILE A 499 10.67 3.82 -14.89
CA ILE A 499 11.75 4.84 -14.91
C ILE A 499 11.95 5.33 -13.49
N GLN A 500 13.12 5.07 -12.92
CA GLN A 500 13.51 5.49 -11.56
C GLN A 500 14.62 6.54 -11.68
N PHE A 501 14.58 7.59 -10.87
CA PHE A 501 15.64 8.62 -10.78
C PHE A 501 15.61 9.22 -9.39
N ASP A 502 16.74 9.74 -8.95
CA ASP A 502 16.90 10.46 -7.67
C ASP A 502 17.04 11.93 -7.99
N TRP A 503 16.21 12.76 -7.37
CA TRP A 503 16.25 14.23 -7.55
C TRP A 503 17.15 14.81 -6.46
N TYR A 504 18.26 15.41 -6.87
CA TYR A 504 19.20 16.14 -5.98
C TYR A 504 18.96 17.63 -6.16
N PRO A 505 18.79 18.40 -5.07
CA PRO A 505 18.49 19.81 -5.18
C PRO A 505 19.73 20.61 -5.62
N THR A 506 19.52 21.68 -6.40
CA THR A 506 20.55 22.69 -6.77
C THR A 506 20.31 24.02 -6.04
N SER A 507 19.14 24.27 -5.47
CA SER A 507 18.75 25.56 -4.85
C SER A 507 18.18 25.35 -3.46
N ASP A 508 18.42 26.31 -2.56
CA ASP A 508 17.74 26.40 -1.25
C ASP A 508 16.24 26.69 -1.42
N SER A 509 15.82 27.20 -2.57
CA SER A 509 14.38 27.55 -2.83
C SER A 509 13.46 26.40 -2.42
N THR A 510 12.31 26.73 -1.81
CA THR A 510 11.19 25.78 -1.54
C THR A 510 10.07 26.02 -2.56
N ASP A 511 10.34 26.77 -3.61
CA ASP A 511 9.36 26.91 -4.72
C ASP A 511 9.03 25.52 -5.29
N PRO A 512 7.80 25.32 -5.82
CA PRO A 512 7.45 24.06 -6.47
C PRO A 512 8.43 23.69 -7.57
N VAL A 513 8.77 22.40 -7.65
CA VAL A 513 9.66 21.92 -8.73
C VAL A 513 8.81 21.16 -9.74
N ASP A 514 8.76 21.66 -10.97
CA ASP A 514 8.01 21.06 -12.11
C ASP A 514 8.95 20.08 -12.80
N MET A 515 8.40 18.96 -13.23
CA MET A 515 9.13 17.86 -13.85
C MET A 515 8.29 17.35 -15.02
N ARG A 516 8.94 16.94 -16.11
CA ARG A 516 8.29 16.25 -17.24
C ARG A 516 9.13 15.05 -17.64
N MET A 517 8.47 13.99 -18.09
CA MET A 517 9.15 12.80 -18.62
C MET A 517 8.28 12.21 -19.72
N TYR A 518 8.88 11.89 -20.87
CA TYR A 518 8.26 11.00 -21.87
C TYR A 518 9.33 10.00 -22.30
N LEU A 519 8.90 8.86 -22.81
CA LEU A 519 9.82 7.82 -23.29
C LEU A 519 10.04 8.07 -24.78
N ARG A 520 11.28 7.89 -25.24
CA ARG A 520 11.64 7.94 -26.67
C ARG A 520 12.34 6.63 -27.05
N CYS A 521 12.15 6.21 -28.29
CA CYS A 521 12.82 5.02 -28.86
C CYS A 521 13.19 5.41 -30.30
N GLN A 522 14.45 5.27 -30.68
CA GLN A 522 14.91 5.43 -32.08
C GLN A 522 14.24 6.66 -32.70
N GLY A 523 14.25 7.80 -32.01
CA GLY A 523 13.79 9.10 -32.54
C GLY A 523 12.31 9.42 -32.27
N ASP A 524 11.48 8.47 -31.83
CA ASP A 524 10.02 8.71 -31.67
C ASP A 524 9.59 8.72 -30.20
N ALA A 525 8.68 9.61 -29.81
CA ALA A 525 7.88 9.49 -28.58
C ALA A 525 7.12 8.15 -28.60
N ILE A 526 7.21 7.39 -27.51
CA ILE A 526 6.47 6.10 -27.35
C ILE A 526 5.74 6.05 -26.01
N SER A 527 5.54 7.21 -25.36
CA SER A 527 4.69 7.33 -24.16
C SER A 527 4.00 8.68 -24.11
N GLU A 528 2.93 8.75 -23.31
CA GLU A 528 2.32 10.03 -22.88
C GLU A 528 3.35 10.79 -22.03
N THR A 529 3.12 12.08 -21.85
CA THR A 529 3.98 12.99 -21.08
C THR A 529 3.52 12.98 -19.62
N TRP A 530 4.40 12.48 -18.73
CA TRP A 530 4.31 12.63 -17.27
C TRP A 530 4.68 14.06 -16.90
N LEU A 531 3.79 14.76 -16.21
CA LEU A 531 4.01 16.12 -15.67
C LEU A 531 3.81 16.01 -14.16
N TYR A 532 4.84 16.34 -13.39
CA TYR A 532 4.81 16.25 -11.90
C TYR A 532 5.14 17.63 -11.29
N GLN A 533 4.49 17.96 -10.18
CA GLN A 533 4.89 19.12 -9.33
C GLN A 533 5.31 18.62 -7.94
N TYR A 534 6.56 18.89 -7.58
CA TYR A 534 7.20 18.38 -6.34
C TYR A 534 7.40 19.54 -5.36
N PHE A 535 7.22 19.32 -4.06
CA PHE A 535 7.48 20.35 -3.03
C PHE A 535 8.75 20.01 -2.23
N PRO A 536 9.94 20.57 -2.57
CA PRO A 536 11.15 20.28 -1.81
C PRO A 536 11.03 20.79 -0.37
N PRO A 537 11.53 20.06 0.64
CA PRO A 537 11.52 20.56 2.00
C PRO A 537 12.42 21.80 2.09
N ALA A 538 12.20 22.62 3.11
CA ALA A 538 13.15 23.68 3.54
C ALA A 538 14.55 23.08 3.63
N PRO A 539 15.60 23.88 3.34
CA PRO A 539 16.97 23.38 3.39
C PRO A 539 17.34 22.65 4.69
N ASP A 540 16.92 23.13 5.85
CA ASP A 540 17.33 22.48 7.13
C ASP A 540 16.43 21.26 7.43
N LYS A 541 15.47 20.93 6.55
CA LYS A 541 14.73 19.64 6.60
C LYS A 541 15.24 18.67 5.50
N ARG A 542 16.35 18.95 4.82
CA ARG A 542 16.91 18.05 3.79
C ARG A 542 17.88 17.10 4.48
N GLN A 543 17.41 16.42 5.52
CA GLN A 543 18.22 15.51 6.33
C GLN A 543 17.26 14.63 7.12
N TYR A 544 17.78 13.58 7.74
CA TYR A 544 16.97 12.57 8.46
C TYR A 544 17.38 12.61 9.93
N VAL A 545 16.41 12.80 10.81
CA VAL A 545 16.63 12.73 12.28
C VAL A 545 16.52 11.25 12.69
N ASP A 546 17.55 10.74 13.35
CA ASP A 546 17.63 9.32 13.75
C ASP A 546 17.07 9.19 15.17
N ASP A 547 15.79 8.81 15.28
CA ASP A 547 14.94 8.90 16.51
C ASP A 547 15.03 7.61 17.35
N ARG A 548 15.94 6.69 17.03
CA ARG A 548 15.94 5.34 17.66
C ARG A 548 17.29 5.13 18.33
N THR B 42 42.43 -39.64 4.59
CA THR B 42 41.08 -40.02 5.07
C THR B 42 41.08 -40.15 6.59
N GLN B 43 39.91 -40.01 7.21
CA GLN B 43 39.68 -40.31 8.65
C GLN B 43 38.26 -40.84 8.85
N ARG B 44 38.08 -41.60 9.92
CA ARG B 44 36.76 -42.15 10.30
C ARG B 44 35.85 -40.97 10.60
N PHE B 45 34.64 -40.98 10.05
CA PHE B 45 33.63 -39.94 10.39
C PHE B 45 32.21 -40.49 10.32
N ASP B 46 31.42 -40.11 11.33
CA ASP B 46 29.96 -40.27 11.46
C ASP B 46 29.45 -39.33 12.56
N PHE B 47 28.13 -39.29 12.77
CA PHE B 47 27.49 -38.36 13.73
C PHE B 47 28.05 -38.62 15.12
N SER B 48 28.25 -39.90 15.45
CA SER B 48 28.77 -40.31 16.77
C SER B 48 30.19 -39.75 17.00
N ILE B 49 31.03 -39.85 15.99
CA ILE B 49 32.40 -39.25 16.01
C ILE B 49 32.28 -37.71 16.11
N LEU B 50 31.35 -37.09 15.37
CA LEU B 50 31.18 -35.62 15.46
C LEU B 50 30.79 -35.23 16.89
N GLN B 51 29.87 -35.97 17.52
CA GLN B 51 29.44 -35.69 18.92
C GLN B 51 30.66 -35.76 19.85
N SER B 52 31.48 -36.83 19.81
CA SER B 52 32.75 -36.93 20.57
C SER B 52 33.63 -35.70 20.31
N MET B 53 33.85 -35.36 19.04
CA MET B 53 34.64 -34.16 18.64
C MET B 53 34.11 -32.92 19.39
N ALA B 54 32.81 -32.62 19.28
CA ALA B 54 32.17 -31.43 19.89
C ALA B 54 32.31 -31.52 21.40
N HIS B 55 32.01 -32.69 21.98
CA HIS B 55 32.14 -32.93 23.44
C HIS B 55 33.58 -32.67 23.89
N ASP B 56 34.56 -33.21 23.16
CA ASP B 56 36.01 -33.08 23.50
C ASP B 56 36.47 -31.63 23.35
N LEU B 57 36.04 -30.96 22.27
CA LEU B 57 36.35 -29.53 22.02
C LEU B 57 35.91 -28.68 23.21
N ALA B 58 34.74 -28.99 23.78
CA ALA B 58 34.16 -28.22 24.91
C ALA B 58 35.06 -28.30 26.14
N GLN B 59 35.95 -29.30 26.23
CA GLN B 59 36.85 -29.46 27.40
C GLN B 59 38.18 -28.71 27.17
N THR B 60 38.35 -28.05 26.03
CA THR B 60 39.54 -27.21 25.73
C THR B 60 39.10 -25.76 25.57
N ALA B 61 40.02 -24.83 25.77
CA ALA B 61 39.77 -23.37 25.66
C ALA B 61 39.30 -23.06 24.25
N TRP B 62 38.33 -22.15 24.12
CA TRP B 62 37.86 -21.64 22.80
C TRP B 62 39.08 -21.20 21.98
N ARG B 63 39.17 -21.67 20.73
CA ARG B 63 40.21 -21.25 19.75
C ARG B 63 40.22 -19.72 19.56
N GLY B 64 39.11 -19.02 19.81
CA GLY B 64 39.09 -17.55 19.75
C GLY B 64 38.71 -17.01 18.38
N ALA B 65 38.53 -15.70 18.29
CA ALA B 65 38.07 -14.98 17.09
C ALA B 65 39.02 -15.17 15.91
N PRO B 66 38.51 -15.23 14.65
CA PRO B 66 39.37 -15.25 13.48
C PRO B 66 40.34 -14.05 13.44
N ARG B 67 41.55 -14.26 12.90
CA ARG B 67 42.48 -13.18 12.51
C ARG B 67 41.72 -12.20 11.62
N PRO B 68 42.04 -10.88 11.61
CA PRO B 68 41.42 -9.95 10.67
C PRO B 68 41.76 -10.38 9.23
N LEU B 69 40.80 -10.24 8.30
CA LEU B 69 40.99 -10.48 6.85
C LEU B 69 42.05 -9.54 6.30
N PRO B 70 42.71 -9.87 5.17
CA PRO B 70 43.34 -8.86 4.32
C PRO B 70 42.37 -7.71 3.98
N ASP B 71 42.87 -6.48 3.94
CA ASP B 71 42.08 -5.24 3.69
C ASP B 71 41.28 -5.34 2.37
N THR B 72 41.85 -5.97 1.36
CA THR B 72 41.18 -6.11 0.03
C THR B 72 39.91 -6.93 0.21
N LEU B 73 39.86 -7.86 1.16
CA LEU B 73 38.67 -8.71 1.45
C LEU B 73 37.78 -8.01 2.48
N ALA B 74 38.37 -7.43 3.52
CA ALA B 74 37.64 -6.79 4.64
C ALA B 74 36.79 -5.65 4.10
N THR B 75 37.30 -4.83 3.16
CA THR B 75 36.62 -3.59 2.69
C THR B 75 35.82 -3.86 1.41
N MET B 76 35.78 -5.11 0.98
CA MET B 76 35.10 -5.54 -0.27
C MET B 76 33.61 -5.23 -0.16
N THR B 77 33.01 -4.67 -1.20
CA THR B 77 31.56 -4.32 -1.23
C THR B 77 30.76 -5.61 -1.40
N PRO B 78 29.47 -5.62 -0.99
CA PRO B 78 28.57 -6.73 -1.27
C PRO B 78 28.47 -7.11 -2.75
N GLN B 79 28.42 -6.11 -3.63
CA GLN B 79 28.35 -6.32 -5.10
C GLN B 79 29.63 -7.05 -5.56
N ALA B 80 30.81 -6.60 -5.15
CA ALA B 80 32.10 -7.28 -5.43
C ALA B 80 32.11 -8.68 -4.79
N TYR B 81 31.67 -8.79 -3.53
CA TYR B 81 31.66 -10.10 -2.81
C TYR B 81 30.85 -11.12 -3.63
N ASN B 82 29.64 -10.77 -4.03
CA ASN B 82 28.70 -11.68 -4.72
C ASN B 82 29.15 -11.96 -6.15
N SER B 83 30.06 -11.15 -6.73
CA SER B 83 30.62 -11.40 -8.08
C SER B 83 31.79 -12.43 -8.01
N ILE B 84 32.26 -12.82 -6.83
CA ILE B 84 33.33 -13.86 -6.75
C ILE B 84 32.80 -15.09 -7.51
N GLN B 85 33.60 -15.68 -8.40
CA GLN B 85 33.17 -16.83 -9.25
C GLN B 85 33.93 -18.09 -8.84
N TYR B 86 33.22 -19.06 -8.30
CA TYR B 86 33.74 -20.41 -8.02
C TYR B 86 33.83 -21.19 -9.33
N ASP B 87 34.89 -21.99 -9.51
CA ASP B 87 35.10 -22.81 -10.73
C ASP B 87 34.12 -24.00 -10.72
N ALA B 88 33.06 -23.93 -11.53
CA ALA B 88 31.94 -24.90 -11.58
C ALA B 88 32.45 -26.30 -11.94
N GLU B 89 33.59 -26.39 -12.63
CA GLU B 89 34.24 -27.68 -12.99
C GLU B 89 34.77 -28.35 -11.70
N LYS B 90 34.96 -27.58 -10.63
CA LYS B 90 35.54 -28.09 -9.36
C LYS B 90 34.43 -28.13 -8.32
N SER B 91 33.18 -28.30 -8.76
CA SER B 91 31.99 -28.43 -7.88
C SER B 91 32.14 -29.69 -7.03
N LEU B 92 31.59 -29.67 -5.81
CA LEU B 92 31.85 -30.74 -4.81
C LEU B 92 31.45 -32.10 -5.39
N TRP B 93 30.36 -32.16 -6.14
CA TRP B 93 29.76 -33.44 -6.54
C TRP B 93 29.90 -33.62 -8.04
N HIS B 94 30.87 -32.95 -8.67
CA HIS B 94 31.07 -32.96 -10.14
C HIS B 94 31.21 -34.39 -10.68
N ASN B 95 31.73 -35.31 -9.87
CA ASN B 95 32.03 -36.72 -10.26
C ASN B 95 30.79 -37.62 -10.11
N VAL B 96 29.63 -37.12 -9.67
CA VAL B 96 28.43 -37.98 -9.40
C VAL B 96 27.51 -37.99 -10.63
N GLU B 97 27.40 -39.13 -11.31
CA GLU B 97 26.52 -39.30 -12.49
C GLU B 97 25.06 -39.10 -12.07
N ASN B 98 24.26 -38.50 -12.95
CA ASN B 98 22.80 -38.26 -12.78
C ASN B 98 22.58 -37.50 -11.46
N ARG B 99 23.49 -36.61 -11.09
CA ARG B 99 23.29 -35.77 -9.87
C ARG B 99 22.20 -34.74 -10.15
N GLN B 100 21.28 -34.60 -9.20
CA GLN B 100 20.19 -33.58 -9.20
C GLN B 100 20.59 -32.40 -8.30
N LEU B 101 21.65 -32.56 -7.52
CA LEU B 101 22.25 -31.48 -6.70
C LEU B 101 23.75 -31.37 -7.01
N ASP B 102 24.30 -30.17 -6.80
CA ASP B 102 25.77 -29.95 -6.74
C ASP B 102 26.02 -28.84 -5.74
N ALA B 103 27.26 -28.68 -5.31
CA ALA B 103 27.65 -27.71 -4.26
C ALA B 103 28.95 -27.01 -4.67
N GLN B 104 29.05 -25.75 -4.26
CA GLN B 104 30.22 -24.88 -4.44
C GLN B 104 30.48 -24.19 -3.09
N PHE B 105 31.63 -23.53 -2.96
CA PHE B 105 32.01 -22.86 -1.70
C PHE B 105 32.08 -21.35 -1.93
N PHE B 106 32.01 -20.64 -0.81
CA PHE B 106 32.20 -19.20 -0.67
C PHE B 106 33.64 -18.93 -0.21
N HIS B 107 34.13 -17.80 -0.68
CA HIS B 107 35.43 -17.18 -0.36
C HIS B 107 35.22 -16.31 0.89
N MET B 108 36.27 -16.11 1.67
CA MET B 108 36.26 -15.14 2.79
C MET B 108 36.17 -13.73 2.22
N GLY B 109 35.63 -12.78 2.99
CA GLY B 109 35.33 -11.42 2.50
C GLY B 109 34.34 -10.73 3.40
N MET B 110 34.34 -9.39 3.38
CA MET B 110 33.44 -8.55 4.21
C MET B 110 33.52 -9.04 5.67
N GLY B 111 32.39 -9.28 6.34
CA GLY B 111 32.36 -9.80 7.73
C GLY B 111 32.60 -11.31 7.84
N PHE B 112 32.75 -12.03 6.72
CA PHE B 112 32.90 -13.51 6.75
C PHE B 112 34.38 -13.89 6.90
N ARG B 113 34.91 -13.92 8.13
CA ARG B 113 36.38 -13.99 8.35
C ARG B 113 36.79 -15.34 8.96
N ARG B 114 35.83 -16.21 9.32
CA ARG B 114 36.11 -17.57 9.84
C ARG B 114 36.47 -18.48 8.67
N ARG B 115 37.67 -19.07 8.69
CA ARG B 115 38.05 -20.27 7.89
C ARG B 115 37.14 -21.44 8.28
N VAL B 116 36.36 -21.95 7.33
CA VAL B 116 35.46 -23.12 7.56
C VAL B 116 36.08 -24.32 6.85
N ARG B 117 36.40 -25.39 7.58
CA ARG B 117 37.03 -26.59 7.01
C ARG B 117 35.91 -27.42 6.39
N MET B 118 36.12 -27.92 5.17
CA MET B 118 35.11 -28.63 4.35
C MET B 118 35.60 -30.06 4.09
N PHE B 119 34.72 -31.05 4.25
CA PHE B 119 35.02 -32.49 4.04
C PHE B 119 33.91 -33.17 3.23
N SER B 120 34.34 -34.09 2.35
CA SER B 120 33.49 -35.07 1.64
C SER B 120 33.46 -36.39 2.45
N VAL B 121 32.29 -36.99 2.66
CA VAL B 121 32.09 -38.30 3.40
C VAL B 121 31.54 -39.35 2.44
N ASP B 122 32.22 -40.49 2.33
CA ASP B 122 31.64 -41.71 1.71
C ASP B 122 30.79 -42.35 2.81
N PRO B 123 29.43 -42.36 2.70
CA PRO B 123 28.58 -42.87 3.78
C PRO B 123 28.69 -44.38 3.91
N ALA B 124 29.00 -45.07 2.80
CA ALA B 124 29.22 -46.54 2.77
C ALA B 124 30.38 -46.88 3.72
N THR B 125 31.52 -46.19 3.57
CA THR B 125 32.79 -46.50 4.30
C THR B 125 32.95 -45.66 5.57
N HIS B 126 32.11 -44.64 5.80
CA HIS B 126 32.23 -43.70 6.96
C HIS B 126 33.62 -43.06 6.96
N LEU B 127 34.17 -42.73 5.77
CA LEU B 127 35.49 -42.08 5.59
C LEU B 127 35.28 -40.65 5.06
N ALA B 128 35.91 -39.68 5.70
CA ALA B 128 35.94 -38.24 5.33
C ALA B 128 37.30 -37.88 4.77
N ARG B 129 37.31 -37.10 3.69
CA ARG B 129 38.54 -36.46 3.16
C ARG B 129 38.32 -34.95 3.18
N GLU B 130 39.33 -34.20 3.58
CA GLU B 130 39.24 -32.73 3.58
C GLU B 130 39.36 -32.24 2.14
N ILE B 131 38.56 -31.24 1.78
CA ILE B 131 38.70 -30.44 0.53
C ILE B 131 39.50 -29.19 0.91
N HIS B 132 40.72 -29.04 0.40
CA HIS B 132 41.62 -27.92 0.75
C HIS B 132 41.25 -26.68 -0.09
N PHE B 133 41.12 -25.51 0.54
CA PHE B 133 41.05 -24.23 -0.19
C PHE B 133 42.29 -24.12 -1.08
N ARG B 134 42.09 -23.70 -2.34
CA ARG B 134 43.19 -23.24 -3.23
C ARG B 134 42.67 -22.05 -4.02
N PRO B 135 43.52 -21.02 -4.29
CA PRO B 135 43.05 -19.77 -4.87
C PRO B 135 42.50 -19.98 -6.30
N GLU B 136 43.02 -21.00 -7.00
CA GLU B 136 42.62 -21.29 -8.38
C GLU B 136 41.13 -21.63 -8.46
N LEU B 137 40.48 -22.01 -7.35
CA LEU B 137 39.03 -22.33 -7.31
C LEU B 137 38.16 -21.08 -7.54
N PHE B 138 38.72 -19.88 -7.42
CA PHE B 138 37.95 -18.62 -7.44
C PHE B 138 38.54 -17.62 -8.44
N LYS B 139 37.66 -16.87 -9.10
CA LYS B 139 37.94 -15.62 -9.85
C LYS B 139 37.23 -14.42 -9.21
N TYR B 140 37.80 -13.22 -9.39
CA TYR B 140 37.25 -11.90 -8.97
C TYR B 140 37.25 -11.79 -7.45
N ASN B 141 38.15 -12.54 -6.81
CA ASN B 141 38.32 -12.61 -5.34
C ASN B 141 39.58 -11.85 -4.90
N ASP B 142 40.42 -11.41 -5.85
CA ASP B 142 41.87 -11.15 -5.58
C ASP B 142 42.25 -9.71 -5.96
N ALA B 143 41.27 -8.80 -6.04
CA ALA B 143 41.48 -7.33 -6.03
C ALA B 143 40.38 -6.66 -5.20
N GLY B 144 40.71 -5.55 -4.54
CA GLY B 144 39.78 -4.82 -3.65
C GLY B 144 38.87 -3.86 -4.39
N VAL B 145 38.03 -3.12 -3.65
CA VAL B 145 37.16 -1.99 -4.13
C VAL B 145 38.00 -1.05 -5.01
N ASP B 146 39.21 -0.73 -4.52
CA ASP B 146 40.16 0.27 -5.06
C ASP B 146 41.18 -0.40 -5.98
N THR B 147 40.89 -1.62 -6.47
CA THR B 147 41.76 -2.44 -7.38
C THR B 147 43.00 -3.03 -6.67
N LYS B 148 43.26 -2.74 -5.39
CA LYS B 148 44.51 -3.23 -4.73
C LYS B 148 44.53 -4.77 -4.80
N GLN B 149 45.67 -5.34 -5.17
CA GLN B 149 45.81 -6.81 -5.34
C GLN B 149 45.83 -7.45 -3.94
N LEU B 150 45.30 -8.65 -3.82
CA LEU B 150 45.29 -9.45 -2.56
C LEU B 150 46.72 -9.86 -2.18
N ASP B 155 46.80 -17.17 6.12
CA ASP B 155 46.34 -18.06 5.03
C ASP B 155 44.82 -17.95 4.95
N LEU B 156 44.27 -18.24 3.79
CA LEU B 156 42.80 -18.10 3.56
C LEU B 156 42.13 -19.49 3.53
N GLY B 157 40.81 -19.53 3.44
CA GLY B 157 40.02 -20.77 3.44
C GLY B 157 38.62 -20.51 2.88
N PHE B 158 37.76 -21.51 2.96
CA PHE B 158 36.33 -21.43 2.60
C PHE B 158 35.60 -20.69 3.73
N ALA B 159 34.53 -19.95 3.42
CA ALA B 159 33.67 -19.24 4.42
C ALA B 159 32.33 -19.97 4.58
N GLY B 160 31.98 -20.85 3.64
CA GLY B 160 30.66 -21.48 3.64
C GLY B 160 30.42 -22.24 2.35
N PHE B 161 29.21 -22.72 2.16
CA PHE B 161 28.85 -23.48 0.94
C PHE B 161 27.45 -23.09 0.53
N ARG B 162 27.08 -23.48 -0.69
CA ARG B 162 25.73 -23.35 -1.23
C ARG B 162 25.47 -24.52 -2.17
N VAL B 163 24.21 -24.88 -2.30
CA VAL B 163 23.77 -26.05 -3.10
C VAL B 163 22.85 -25.57 -4.21
N PHE B 164 23.02 -26.18 -5.37
CA PHE B 164 22.30 -25.91 -6.62
C PHE B 164 21.51 -27.16 -6.97
N LYS B 165 20.47 -27.01 -7.75
CA LYS B 165 19.55 -28.13 -8.11
C LYS B 165 19.31 -28.11 -9.62
N ALA B 166 19.30 -29.28 -10.24
CA ALA B 166 18.68 -29.51 -11.55
C ALA B 166 17.40 -28.69 -11.62
N PRO B 167 17.09 -28.01 -12.74
CA PRO B 167 17.92 -28.05 -13.93
C PRO B 167 19.08 -27.06 -13.98
N GLU B 168 19.48 -26.44 -12.86
CA GLU B 168 20.54 -25.39 -12.86
C GLU B 168 21.63 -25.67 -11.81
N LEU B 169 22.56 -26.57 -12.13
CA LEU B 169 23.51 -27.14 -11.13
C LEU B 169 24.61 -26.16 -10.76
N ALA B 170 24.73 -25.03 -11.46
CA ALA B 170 25.80 -24.03 -11.23
C ALA B 170 25.22 -22.62 -11.17
N ARG B 171 23.92 -22.44 -10.98
CA ARG B 171 23.39 -21.07 -10.71
C ARG B 171 22.05 -21.17 -9.98
N ARG B 172 21.69 -20.10 -9.26
CA ARG B 172 20.40 -20.02 -8.56
C ARG B 172 20.39 -21.09 -7.46
N ASP B 173 21.24 -20.89 -6.46
CA ASP B 173 21.43 -21.83 -5.33
C ASP B 173 20.15 -21.78 -4.51
N VAL B 174 19.83 -22.90 -3.84
CA VAL B 174 18.53 -23.09 -3.12
C VAL B 174 18.75 -23.26 -1.62
N VAL B 175 19.99 -23.59 -1.23
CA VAL B 175 20.46 -23.63 0.18
C VAL B 175 21.84 -22.98 0.23
N SER B 176 22.10 -22.23 1.31
CA SER B 176 23.42 -21.57 1.54
C SER B 176 23.69 -21.49 3.03
N PHE B 177 24.91 -21.85 3.42
CA PHE B 177 25.47 -21.67 4.78
C PHE B 177 26.61 -20.66 4.66
N LEU B 178 26.45 -19.49 5.27
CA LEU B 178 27.47 -18.42 5.25
C LEU B 178 27.29 -17.45 6.42
N GLY B 179 28.37 -17.24 7.17
CA GLY B 179 28.47 -16.25 8.25
C GLY B 179 28.05 -16.85 9.56
N ALA B 180 28.97 -16.90 10.54
CA ALA B 180 28.68 -17.45 11.88
C ALA B 180 27.97 -18.80 11.70
N SER B 181 26.83 -19.05 12.36
CA SER B 181 26.07 -20.31 12.19
C SER B 181 24.82 -20.10 11.30
N TYR B 182 24.88 -19.14 10.38
CA TYR B 182 23.69 -18.67 9.62
C TYR B 182 23.58 -19.49 8.36
N PHE B 183 22.34 -19.75 7.98
CA PHE B 183 21.99 -20.36 6.68
C PHE B 183 20.62 -19.88 6.22
N ARG B 184 20.35 -20.13 4.94
CA ARG B 184 19.08 -19.77 4.27
C ARG B 184 18.76 -20.84 3.25
N ALA B 185 17.49 -20.93 2.89
CA ALA B 185 17.02 -21.73 1.75
C ALA B 185 15.90 -20.96 1.06
N VAL B 186 15.56 -21.41 -0.15
CA VAL B 186 14.48 -20.84 -1.00
C VAL B 186 13.52 -21.95 -1.40
N ASP B 187 12.35 -21.54 -1.83
CA ASP B 187 11.33 -22.45 -2.41
C ASP B 187 11.35 -22.24 -3.93
N ASP B 188 10.25 -22.58 -4.60
CA ASP B 188 10.15 -22.56 -6.09
C ASP B 188 10.27 -21.12 -6.63
N THR B 189 10.11 -20.07 -5.81
CA THR B 189 10.35 -18.68 -6.30
C THR B 189 11.85 -18.43 -6.49
N TYR B 190 12.69 -19.24 -5.83
CA TYR B 190 14.18 -19.13 -5.82
C TYR B 190 14.65 -17.85 -5.11
N GLN B 191 13.76 -17.06 -4.52
CA GLN B 191 14.13 -15.74 -3.92
C GLN B 191 14.57 -15.96 -2.46
N TYR B 192 15.80 -15.55 -2.12
CA TYR B 192 16.30 -15.55 -0.73
C TYR B 192 15.59 -14.44 0.04
N GLY B 193 15.22 -14.74 1.29
CA GLY B 193 14.80 -13.78 2.32
C GLY B 193 15.38 -14.12 3.67
N LEU B 194 14.57 -14.55 4.65
CA LEU B 194 15.00 -14.61 6.08
C LEU B 194 16.05 -15.72 6.24
N SER B 195 16.74 -15.70 7.37
CA SER B 195 17.82 -16.65 7.71
C SER B 195 17.37 -17.52 8.88
N ALA B 196 18.07 -18.63 9.09
CA ALA B 196 18.05 -19.40 10.35
C ALA B 196 19.47 -19.37 10.91
N ARG B 197 19.65 -19.79 12.15
CA ARG B 197 21.02 -19.98 12.70
C ARG B 197 21.11 -21.33 13.42
N GLY B 198 22.30 -21.92 13.52
CA GLY B 198 22.51 -23.12 14.38
C GLY B 198 22.14 -22.81 15.80
N LEU B 199 22.48 -21.61 16.26
CA LEU B 199 22.28 -21.28 17.70
C LEU B 199 22.39 -19.78 17.95
N ALA B 200 21.72 -19.32 19.00
CA ALA B 200 21.84 -17.91 19.43
C ALA B 200 22.29 -17.90 20.88
N ILE B 201 23.14 -16.93 21.24
CA ILE B 201 23.67 -16.81 22.62
C ILE B 201 23.68 -15.34 23.03
N ASP B 202 23.01 -15.02 24.13
CA ASP B 202 23.02 -13.65 24.69
C ASP B 202 22.51 -12.61 23.67
N THR B 203 21.50 -12.98 22.89
CA THR B 203 20.89 -12.07 21.90
C THR B 203 20.26 -10.89 22.65
N TYR B 204 19.59 -11.17 23.76
CA TYR B 204 18.95 -10.11 24.58
C TYR B 204 19.27 -10.33 26.08
N THR B 205 20.33 -9.70 26.55
CA THR B 205 20.76 -9.76 27.96
C THR B 205 21.57 -8.49 28.26
N ASP B 206 22.13 -8.39 29.46
CA ASP B 206 22.84 -7.17 29.93
C ASP B 206 24.30 -7.18 29.45
N SER B 207 24.62 -7.98 28.44
CA SER B 207 25.97 -8.04 27.81
C SER B 207 25.82 -8.33 26.30
N LYS B 208 26.91 -8.17 25.55
CA LYS B 208 26.91 -8.23 24.06
C LYS B 208 26.60 -9.67 23.62
N GLU B 209 25.81 -9.81 22.55
CA GLU B 209 25.53 -11.07 21.85
C GLU B 209 26.84 -11.77 21.47
N GLU B 210 26.89 -13.07 21.70
CA GLU B 210 27.94 -13.99 21.25
C GLU B 210 27.41 -14.73 20.01
N PHE B 211 28.15 -14.71 18.90
CA PHE B 211 27.75 -15.37 17.64
C PHE B 211 28.60 -16.65 17.44
N PRO B 212 27.99 -17.83 17.65
CA PRO B 212 28.68 -19.06 17.40
C PRO B 212 28.96 -19.20 15.89
N ASP B 213 30.00 -19.97 15.58
CA ASP B 213 30.33 -20.21 14.17
C ASP B 213 30.25 -21.68 13.80
N PHE B 214 29.77 -21.96 12.60
CA PHE B 214 29.96 -23.32 12.07
C PHE B 214 31.42 -23.27 11.59
N THR B 215 32.31 -24.06 12.18
CA THR B 215 33.76 -24.04 11.85
C THR B 215 34.15 -25.14 10.86
N ALA B 216 33.28 -26.13 10.67
CA ALA B 216 33.52 -27.25 9.74
C ALA B 216 32.20 -27.88 9.29
N PHE B 217 32.12 -28.28 8.02
CA PHE B 217 31.01 -29.08 7.46
C PHE B 217 31.55 -30.37 6.83
N TRP B 218 30.80 -31.46 7.00
CA TRP B 218 31.02 -32.78 6.34
C TRP B 218 29.79 -33.09 5.49
N PHE B 219 30.02 -33.25 4.19
CA PHE B 219 29.03 -33.54 3.14
C PHE B 219 29.08 -35.04 2.80
N ASP B 220 27.99 -35.76 3.06
CA ASP B 220 27.78 -37.09 2.48
C ASP B 220 27.76 -36.88 0.96
N THR B 221 28.62 -37.57 0.22
CA THR B 221 28.54 -37.65 -1.25
C THR B 221 27.07 -37.89 -1.65
N VAL B 222 26.51 -37.01 -2.46
CA VAL B 222 25.10 -37.11 -2.89
C VAL B 222 25.02 -38.32 -3.83
N LYS B 223 23.94 -39.09 -3.72
CA LYS B 223 23.67 -40.25 -4.60
C LYS B 223 23.12 -39.75 -5.93
N PRO B 224 23.40 -40.51 -7.02
CA PRO B 224 22.70 -40.32 -8.30
C PRO B 224 21.17 -40.24 -8.15
N GLY B 225 20.54 -39.23 -8.74
CA GLY B 225 19.08 -39.02 -8.70
C GLY B 225 18.56 -38.33 -7.44
N ALA B 226 19.38 -38.10 -6.42
CA ALA B 226 18.89 -37.68 -5.10
C ALA B 226 18.70 -36.15 -5.07
N THR B 227 17.57 -35.71 -4.48
CA THR B 227 17.26 -34.28 -4.21
C THR B 227 17.36 -34.02 -2.71
N THR B 228 17.75 -35.05 -1.94
CA THR B 228 18.14 -34.94 -0.52
C THR B 228 19.65 -35.04 -0.39
N PHE B 229 20.24 -34.22 0.50
CA PHE B 229 21.66 -34.34 0.90
C PHE B 229 21.75 -34.22 2.40
N THR B 230 22.88 -34.69 2.92
CA THR B 230 23.13 -34.72 4.38
C THR B 230 24.41 -33.95 4.62
N VAL B 231 24.35 -32.98 5.53
CA VAL B 231 25.56 -32.19 5.92
C VAL B 231 25.63 -32.18 7.44
N TYR B 232 26.81 -32.48 7.95
CA TYR B 232 27.14 -32.40 9.39
C TYR B 232 27.97 -31.13 9.57
N ALA B 233 27.81 -30.48 10.72
CA ALA B 233 28.46 -29.19 11.03
C ALA B 233 28.97 -29.19 12.47
N LEU B 234 30.20 -28.71 12.65
CA LEU B 234 30.79 -28.42 13.98
C LEU B 234 30.48 -26.98 14.29
N LEU B 235 29.83 -26.74 15.42
CA LEU B 235 29.56 -25.39 15.96
C LEU B 235 30.55 -25.15 17.09
N ASP B 236 31.16 -23.96 17.09
CA ASP B 236 32.23 -23.57 18.04
C ASP B 236 32.05 -22.10 18.37
N SER B 237 32.13 -21.77 19.67
CA SER B 237 31.90 -20.43 20.27
C SER B 237 32.59 -20.35 21.62
N ALA B 238 32.91 -19.16 22.12
CA ALA B 238 33.37 -18.95 23.51
C ALA B 238 32.54 -19.85 24.47
N SER B 239 31.20 -19.83 24.41
CA SER B 239 30.39 -20.40 25.50
C SER B 239 30.04 -21.88 25.29
N ILE B 240 30.18 -22.41 24.08
CA ILE B 240 29.41 -23.64 23.72
C ILE B 240 29.99 -24.24 22.44
N THR B 241 30.00 -25.59 22.35
CA THR B 241 30.28 -26.35 21.11
C THR B 241 29.02 -27.12 20.72
N GLY B 242 28.94 -27.55 19.46
CA GLY B 242 27.82 -28.40 19.02
C GLY B 242 28.19 -29.29 17.85
N ALA B 243 27.52 -30.43 17.77
CA ALA B 243 27.49 -31.37 16.64
C ALA B 243 26.09 -31.30 16.05
N TYR B 244 25.99 -30.97 14.77
CA TYR B 244 24.72 -30.84 14.02
C TYR B 244 24.73 -31.85 12.89
N LYS B 245 23.57 -32.45 12.64
CA LYS B 245 23.27 -33.22 11.42
C LYS B 245 22.05 -32.58 10.76
N PHE B 246 22.20 -32.17 9.51
CA PHE B 246 21.09 -31.68 8.65
C PHE B 246 20.84 -32.71 7.57
N THR B 247 19.63 -33.25 7.51
CA THR B 247 19.17 -34.01 6.33
C THR B 247 18.25 -33.06 5.57
N ILE B 248 18.69 -32.60 4.39
CA ILE B 248 18.07 -31.45 3.67
C ILE B 248 17.37 -31.97 2.41
N HIS B 249 16.04 -31.89 2.41
CA HIS B 249 15.11 -32.33 1.35
C HIS B 249 14.78 -31.13 0.45
N CYS B 250 15.26 -31.17 -0.78
CA CYS B 250 15.12 -30.09 -1.78
C CYS B 250 13.93 -30.44 -2.67
N GLU B 251 12.73 -30.12 -2.19
CA GLU B 251 11.43 -30.47 -2.83
C GLU B 251 11.08 -29.42 -3.90
N LYS B 252 10.08 -29.75 -4.71
CA LYS B 252 9.53 -28.90 -5.79
C LYS B 252 9.26 -27.50 -5.23
N SER B 253 8.56 -27.40 -4.10
CA SER B 253 7.96 -26.11 -3.67
C SER B 253 8.47 -25.71 -2.29
N GLN B 254 9.50 -26.38 -1.76
CA GLN B 254 10.01 -26.09 -0.39
C GLN B 254 11.31 -26.82 -0.12
N VAL B 255 12.05 -26.36 0.88
CA VAL B 255 13.19 -27.13 1.45
C VAL B 255 12.77 -27.57 2.84
N ILE B 256 12.93 -28.86 3.12
CA ILE B 256 12.66 -29.41 4.48
C ILE B 256 13.99 -29.85 5.04
N MET B 257 14.39 -29.31 6.19
CA MET B 257 15.63 -29.72 6.88
C MET B 257 15.26 -30.49 8.15
N ASP B 258 15.69 -31.75 8.24
CA ASP B 258 15.65 -32.50 9.51
C ASP B 258 16.95 -32.17 10.24
N VAL B 259 16.84 -31.43 11.34
CA VAL B 259 17.99 -30.94 12.16
C VAL B 259 18.07 -31.78 13.45
N GLU B 260 19.27 -32.25 13.79
CA GLU B 260 19.59 -32.89 15.07
C GLU B 260 20.85 -32.25 15.63
N ASN B 261 20.84 -31.88 16.90
CA ASN B 261 22.06 -31.28 17.48
C ASN B 261 22.30 -31.90 18.85
N HIS B 262 23.56 -31.89 19.24
CA HIS B 262 24.05 -32.07 20.61
C HIS B 262 24.90 -30.85 20.97
N LEU B 263 24.62 -30.21 22.10
CA LEU B 263 25.29 -28.97 22.55
C LEU B 263 25.99 -29.29 23.86
N TYR B 264 27.17 -28.71 24.06
CA TYR B 264 28.05 -28.92 25.23
C TYR B 264 28.53 -27.55 25.71
N ALA B 265 28.02 -27.05 26.84
CA ALA B 265 28.30 -25.68 27.32
C ALA B 265 29.67 -25.66 27.97
N ARG B 266 30.54 -24.79 27.46
CA ARG B 266 31.86 -24.48 28.07
C ARG B 266 31.66 -23.67 29.33
N LYS B 267 30.69 -22.76 29.33
CA LYS B 267 30.54 -21.70 30.36
C LYS B 267 29.08 -21.62 30.77
N ASP B 268 28.81 -20.99 31.91
CA ASP B 268 27.46 -20.47 32.23
C ASP B 268 27.02 -19.55 31.07
N ILE B 269 25.74 -19.64 30.69
CA ILE B 269 25.14 -18.88 29.56
C ILE B 269 23.89 -18.14 30.09
N LYS B 270 23.79 -16.84 29.85
CA LYS B 270 22.64 -16.02 30.29
C LYS B 270 21.41 -16.38 29.44
N GLN B 271 21.59 -16.53 28.13
CA GLN B 271 20.47 -16.79 27.19
C GLN B 271 20.95 -17.77 26.12
N LEU B 272 20.35 -18.96 26.12
CA LEU B 272 20.48 -20.00 25.06
C LEU B 272 19.23 -19.95 24.17
N GLY B 273 19.43 -19.73 22.87
CA GLY B 273 18.34 -19.64 21.88
C GLY B 273 18.42 -20.80 20.91
N ILE B 274 17.44 -21.70 20.96
CA ILE B 274 17.36 -22.95 20.15
C ILE B 274 16.57 -22.68 18.86
N ALA B 275 16.96 -23.31 17.75
CA ALA B 275 16.26 -23.17 16.46
C ALA B 275 16.05 -21.69 16.11
N PRO B 276 17.09 -20.85 16.26
CA PRO B 276 16.90 -19.42 16.04
C PRO B 276 16.53 -19.08 14.59
N MET B 277 15.71 -18.07 14.42
CA MET B 277 15.37 -17.55 13.07
C MET B 277 15.74 -16.06 13.07
N THR B 278 16.07 -15.50 11.92
CA THR B 278 16.45 -14.07 11.83
C THR B 278 15.83 -13.44 10.57
N SER B 279 15.01 -12.43 10.77
CA SER B 279 14.31 -11.78 9.62
C SER B 279 14.45 -10.26 9.70
N MET B 280 13.60 -9.56 8.96
CA MET B 280 13.66 -8.09 8.90
C MET B 280 12.24 -7.56 8.64
N PHE B 281 11.84 -6.56 9.41
CA PHE B 281 10.53 -5.88 9.20
C PHE B 281 10.80 -4.38 9.30
N SER B 282 10.68 -3.67 8.18
CA SER B 282 10.91 -2.21 8.16
C SER B 282 9.57 -1.48 8.11
N CYS B 283 8.69 -1.92 7.21
CA CYS B 283 7.40 -1.25 6.97
C CYS B 283 6.36 -2.29 6.57
N GLY B 284 5.28 -2.42 7.35
CA GLY B 284 4.14 -3.30 7.03
C GLY B 284 2.85 -2.52 7.05
N THR B 285 1.75 -3.13 7.47
CA THR B 285 0.41 -2.49 7.54
C THR B 285 0.20 -1.83 8.90
N ASN B 286 1.05 -2.15 9.88
CA ASN B 286 0.81 -1.81 11.31
C ASN B 286 1.90 -0.83 11.78
N GLU B 287 1.49 0.28 12.39
CA GLU B 287 2.38 1.32 12.97
C GLU B 287 3.51 1.66 11.99
N ARG B 288 3.13 2.25 10.87
CA ARG B 288 4.05 2.57 9.76
C ARG B 288 4.90 3.82 10.03
N ARG B 289 5.78 3.76 11.03
CA ARG B 289 6.69 4.89 11.33
C ARG B 289 7.84 4.97 10.31
N MET B 290 8.18 3.87 9.65
CA MET B 290 9.37 3.84 8.74
C MET B 290 8.93 3.40 7.35
N CYS B 291 8.16 4.24 6.67
CA CYS B 291 7.54 3.85 5.37
C CYS B 291 7.80 4.90 4.29
N ASP B 292 8.85 5.71 4.45
CA ASP B 292 9.13 6.79 3.46
C ASP B 292 9.95 6.24 2.28
N THR B 293 9.41 5.30 1.50
CA THR B 293 10.08 4.78 0.29
C THR B 293 9.00 4.59 -0.79
N ILE B 294 9.41 4.15 -1.98
CA ILE B 294 8.48 3.88 -3.12
C ILE B 294 7.73 2.56 -2.90
N HIS B 295 8.07 1.83 -1.84
CA HIS B 295 7.57 0.48 -1.51
C HIS B 295 6.47 0.59 -0.48
N PRO B 296 5.22 0.20 -0.78
CA PRO B 296 4.15 0.24 0.22
C PRO B 296 4.48 -0.57 1.48
N GLN B 297 5.16 -1.72 1.32
CA GLN B 297 5.67 -2.57 2.43
C GLN B 297 7.08 -3.04 2.09
N ILE B 298 7.94 -3.19 3.11
CA ILE B 298 9.29 -3.79 3.04
C ILE B 298 9.43 -4.69 4.26
N HIS B 299 9.62 -5.98 4.04
CA HIS B 299 9.85 -6.97 5.14
C HIS B 299 10.19 -8.32 4.51
N ASP B 300 11.03 -9.09 5.20
CA ASP B 300 11.29 -10.53 4.89
C ASP B 300 10.23 -11.42 5.55
N SER B 301 9.62 -10.94 6.64
CA SER B 301 8.48 -11.60 7.34
C SER B 301 7.52 -10.51 7.82
N ASP B 302 6.26 -10.83 8.07
CA ASP B 302 5.27 -9.87 8.66
C ASP B 302 4.82 -10.33 10.07
N ARG B 303 4.98 -11.60 10.42
CA ARG B 303 4.39 -12.12 11.68
C ARG B 303 5.21 -13.23 12.32
N LEU B 304 5.06 -13.35 13.63
CA LEU B 304 5.41 -14.57 14.38
C LEU B 304 4.14 -15.41 14.53
N SER B 305 4.19 -16.67 14.12
CA SER B 305 3.09 -17.66 14.24
C SER B 305 3.53 -18.71 15.25
N MET B 306 2.72 -18.92 16.28
CA MET B 306 3.04 -19.93 17.33
C MET B 306 1.88 -20.90 17.45
N TRP B 307 2.21 -22.20 17.41
CA TRP B 307 1.28 -23.30 17.73
C TRP B 307 1.71 -23.79 19.10
N ARG B 308 0.88 -23.57 20.12
CA ARG B 308 1.33 -23.71 21.53
C ARG B 308 1.13 -25.15 22.00
N GLY B 309 1.81 -25.50 23.10
CA GLY B 309 1.68 -26.80 23.80
C GLY B 309 0.23 -27.15 24.09
N ASN B 310 -0.62 -26.16 24.41
CA ASN B 310 -2.04 -26.39 24.75
C ASN B 310 -2.92 -26.37 23.49
N GLY B 311 -2.32 -26.17 22.31
CA GLY B 311 -3.04 -26.26 21.03
C GLY B 311 -3.51 -24.91 20.54
N GLU B 312 -3.17 -23.83 21.26
CA GLU B 312 -3.59 -22.46 20.89
C GLU B 312 -2.68 -21.95 19.76
N TRP B 313 -3.29 -21.29 18.78
CA TRP B 313 -2.58 -20.60 17.67
C TRP B 313 -2.47 -19.12 18.01
N ILE B 314 -1.24 -18.58 17.93
CA ILE B 314 -0.95 -17.13 18.08
C ILE B 314 -0.48 -16.55 16.75
N CYS B 315 -1.06 -15.42 16.39
CA CYS B 315 -0.55 -14.51 15.34
C CYS B 315 -0.08 -13.22 16.01
N ARG B 316 1.23 -13.03 16.02
CA ARG B 316 1.93 -11.85 16.56
C ARG B 316 2.51 -11.08 15.39
N PRO B 317 1.84 -10.02 14.92
CA PRO B 317 2.39 -9.15 13.89
C PRO B 317 3.71 -8.55 14.38
N LEU B 318 4.72 -8.58 13.51
CA LEU B 318 6.03 -7.95 13.75
C LEU B 318 5.92 -6.43 13.69
N ASN B 319 6.78 -5.79 14.49
CA ASN B 319 6.89 -4.32 14.58
C ASN B 319 8.28 -3.87 14.11
N ASN B 320 8.37 -2.64 13.61
CA ASN B 320 9.64 -1.89 13.56
C ASN B 320 9.53 -0.78 14.61
N PRO B 321 9.92 -1.07 15.88
CA PRO B 321 9.70 -0.13 16.97
C PRO B 321 10.78 0.96 16.94
N GLN B 322 10.48 2.09 17.57
CA GLN B 322 11.44 3.20 17.80
C GLN B 322 12.53 2.77 18.78
N LYS B 323 12.18 1.94 19.76
CA LYS B 323 13.13 1.50 20.81
C LYS B 323 13.24 -0.02 20.74
N LEU B 324 14.45 -0.56 20.98
CA LEU B 324 14.72 -2.02 20.99
C LEU B 324 13.72 -2.71 21.92
N GLN B 325 13.16 -3.82 21.49
CA GLN B 325 12.04 -4.48 22.19
C GLN B 325 12.39 -5.97 22.34
N PHE B 326 12.18 -6.57 23.50
CA PHE B 326 12.22 -8.04 23.66
C PHE B 326 10.89 -8.48 24.26
N ASN B 327 10.36 -9.60 23.78
CA ASN B 327 9.20 -10.30 24.38
C ASN B 327 9.54 -11.78 24.55
N ALA B 328 9.11 -12.40 25.64
CA ALA B 328 9.25 -13.85 25.90
C ALA B 328 7.85 -14.42 26.08
N TYR B 329 7.44 -15.36 25.23
CA TYR B 329 6.11 -15.98 25.24
C TYR B 329 6.19 -17.38 25.89
N THR B 330 5.74 -17.50 27.14
CA THR B 330 5.70 -18.78 27.90
C THR B 330 5.01 -19.86 27.07
N ASP B 331 5.62 -21.03 27.03
CA ASP B 331 5.06 -22.23 26.40
C ASP B 331 5.62 -23.46 27.14
N ASN B 332 4.98 -24.59 26.88
CA ASN B 332 5.26 -25.91 27.47
C ASN B 332 5.02 -26.90 26.34
N ASN B 333 6.09 -27.51 25.81
CA ASN B 333 6.02 -28.49 24.69
C ASN B 333 5.47 -27.82 23.44
N PRO B 334 6.11 -26.73 22.98
CA PRO B 334 5.66 -26.05 21.77
C PRO B 334 5.49 -27.06 20.63
N LYS B 335 4.43 -26.92 19.83
CA LYS B 335 4.16 -27.82 18.68
C LYS B 335 4.80 -27.24 17.42
N GLY B 336 4.93 -25.91 17.35
CA GLY B 336 5.60 -25.27 16.21
C GLY B 336 5.66 -23.76 16.38
N PHE B 337 6.58 -23.11 15.68
CA PHE B 337 6.64 -21.64 15.59
C PHE B 337 7.41 -21.23 14.35
N GLY B 338 7.08 -20.05 13.82
CA GLY B 338 7.68 -19.55 12.58
C GLY B 338 7.55 -18.06 12.38
N LEU B 339 8.47 -17.54 11.56
CA LEU B 339 8.40 -16.17 11.01
C LEU B 339 7.88 -16.33 9.59
N LEU B 340 6.70 -15.76 9.35
CA LEU B 340 5.89 -16.01 8.13
C LEU B 340 5.79 -14.75 7.29
N GLN B 341 5.82 -14.93 5.97
CA GLN B 341 5.62 -13.91 4.91
C GLN B 341 4.32 -14.27 4.16
N LEU B 342 3.14 -13.93 4.67
CA LEU B 342 1.83 -14.39 4.11
C LEU B 342 1.23 -13.37 3.13
N ASP B 343 1.83 -12.19 2.95
CA ASP B 343 1.39 -11.24 1.90
C ASP B 343 2.26 -11.46 0.66
N ARG B 344 1.67 -12.08 -0.35
CA ARG B 344 2.35 -12.57 -1.59
C ARG B 344 2.09 -11.61 -2.75
N ASP B 345 1.47 -10.48 -2.48
CA ASP B 345 1.00 -9.54 -3.51
C ASP B 345 2.17 -8.64 -3.91
N PHE B 346 2.71 -8.83 -5.10
CA PHE B 346 3.75 -7.93 -5.65
C PHE B 346 3.37 -6.45 -5.47
N SER B 347 2.10 -6.06 -5.72
CA SER B 347 1.67 -4.63 -5.73
C SER B 347 1.78 -4.02 -4.32
N HIS B 348 1.97 -4.84 -3.28
CA HIS B 348 2.12 -4.37 -1.87
C HIS B 348 3.57 -4.03 -1.56
N TYR B 349 4.53 -4.46 -2.38
CA TYR B 349 5.99 -4.22 -2.16
C TYR B 349 6.59 -3.38 -3.29
N GLN B 350 6.23 -3.64 -4.55
CA GLN B 350 6.76 -2.89 -5.73
C GLN B 350 8.29 -3.02 -5.81
N ASP B 351 8.85 -4.11 -5.28
CA ASP B 351 10.32 -4.27 -5.24
C ASP B 351 10.72 -5.22 -6.36
N ILE B 352 11.42 -4.71 -7.36
CA ILE B 352 11.83 -5.52 -8.56
C ILE B 352 13.30 -5.91 -8.44
N MET B 353 13.96 -5.64 -7.31
CA MET B 353 15.35 -6.08 -7.04
C MET B 353 15.38 -7.22 -6.01
N GLY B 354 14.71 -7.03 -4.86
CA GLY B 354 14.60 -8.01 -3.77
C GLY B 354 13.42 -8.95 -3.85
N TRP B 355 12.33 -8.58 -4.53
CA TRP B 355 11.09 -9.40 -4.66
C TRP B 355 10.59 -9.91 -3.28
N TYR B 356 10.32 -9.01 -2.33
CA TYR B 356 9.92 -9.38 -0.94
C TYR B 356 8.70 -10.32 -0.99
N ASN B 357 7.80 -10.09 -1.94
CA ASN B 357 6.54 -10.87 -2.14
C ASN B 357 6.82 -12.33 -2.47
N LYS B 358 8.05 -12.66 -2.92
CA LYS B 358 8.45 -14.05 -3.29
C LYS B 358 9.27 -14.72 -2.18
N ARG B 359 9.47 -14.07 -1.03
CA ARG B 359 10.40 -14.53 0.03
C ARG B 359 9.70 -15.56 0.91
N PRO B 360 10.42 -16.57 1.41
CA PRO B 360 9.75 -17.69 2.06
C PRO B 360 9.34 -17.41 3.52
N SER B 361 8.41 -18.22 3.97
CA SER B 361 8.12 -18.41 5.40
C SER B 361 9.12 -19.43 5.93
N LEU B 362 9.32 -19.45 7.24
CA LEU B 362 10.11 -20.50 7.93
C LEU B 362 9.28 -21.03 9.09
N TRP B 363 9.11 -22.35 9.14
CA TRP B 363 8.41 -23.06 10.24
C TRP B 363 9.38 -23.99 10.97
N VAL B 364 9.43 -23.86 12.30
CA VAL B 364 10.18 -24.77 13.20
C VAL B 364 9.20 -25.79 13.75
N GLU B 365 9.47 -27.08 13.51
CA GLU B 365 8.67 -28.17 14.11
C GLU B 365 9.54 -28.99 15.05
N PRO B 366 9.45 -28.74 16.38
CA PRO B 366 10.10 -29.62 17.35
C PRO B 366 9.70 -31.06 17.08
N ARG B 367 10.66 -31.98 17.10
CA ARG B 367 10.44 -33.43 16.89
C ARG B 367 10.36 -34.16 18.24
N ASN B 368 10.52 -33.45 19.36
CA ASN B 368 10.31 -34.01 20.72
C ASN B 368 9.63 -32.97 21.59
N LYS B 369 9.27 -33.38 22.81
CA LYS B 369 8.71 -32.50 23.86
C LYS B 369 9.85 -31.65 24.43
N TRP B 370 9.81 -30.33 24.26
CA TRP B 370 10.93 -29.46 24.69
C TRP B 370 10.70 -28.95 26.11
N GLY B 371 9.57 -29.29 26.73
CA GLY B 371 9.29 -28.91 28.13
C GLY B 371 9.01 -27.41 28.24
N LYS B 372 9.27 -26.84 29.42
CA LYS B 372 8.91 -25.44 29.74
C LYS B 372 9.98 -24.48 29.20
N GLY B 373 9.55 -23.31 28.75
CA GLY B 373 10.44 -22.26 28.25
C GLY B 373 9.68 -21.10 27.65
N THR B 374 10.38 -20.26 26.90
CA THR B 374 9.77 -19.09 26.21
C THR B 374 10.17 -19.08 24.74
N ILE B 375 9.24 -18.64 23.89
CA ILE B 375 9.58 -18.20 22.52
C ILE B 375 10.02 -16.75 22.67
N GLY B 376 11.31 -16.51 22.44
CA GLY B 376 11.88 -15.17 22.50
C GLY B 376 11.70 -14.50 21.17
N LEU B 377 11.33 -13.22 21.19
CA LEU B 377 11.21 -12.36 19.99
C LEU B 377 11.89 -11.01 20.27
N MET B 378 12.94 -10.71 19.50
CA MET B 378 13.62 -9.39 19.62
C MET B 378 13.36 -8.61 18.33
N GLU B 379 13.06 -7.32 18.50
CA GLU B 379 12.71 -6.35 17.44
C GLU B 379 13.58 -5.14 17.61
N ILE B 380 14.51 -4.95 16.67
CA ILE B 380 15.49 -3.83 16.62
C ILE B 380 14.90 -2.73 15.75
N PRO B 381 15.00 -1.44 16.16
CA PRO B 381 14.64 -0.33 15.27
C PRO B 381 15.49 -0.33 13.99
N THR B 382 14.86 -0.23 12.82
CA THR B 382 15.59 -0.15 11.55
C THR B 382 15.10 1.08 10.77
N THR B 383 16.01 1.63 9.95
CA THR B 383 15.71 2.69 8.96
C THR B 383 15.61 2.12 7.53
N GLY B 384 15.73 0.80 7.34
CA GLY B 384 15.81 0.29 5.96
C GLY B 384 15.73 -1.21 5.90
N GLU B 385 16.62 -1.82 5.11
CA GLU B 385 16.52 -3.22 4.61
C GLU B 385 17.66 -4.10 5.15
N THR B 386 18.87 -3.56 5.21
CA THR B 386 20.14 -4.32 5.45
C THR B 386 20.23 -4.86 6.87
N LEU B 387 19.58 -4.22 7.86
CA LEU B 387 19.73 -4.61 9.29
C LEU B 387 18.76 -5.77 9.56
N ASN B 388 19.28 -6.91 10.03
CA ASN B 388 18.43 -8.07 10.42
C ASN B 388 17.80 -7.76 11.78
N ASN B 389 16.64 -7.13 11.78
CA ASN B 389 16.12 -6.48 13.01
C ASN B 389 15.07 -7.36 13.70
N ILE B 390 14.90 -8.62 13.25
CA ILE B 390 13.98 -9.58 13.91
C ILE B 390 14.77 -10.83 14.26
N VAL B 391 14.70 -11.26 15.52
CA VAL B 391 15.28 -12.53 16.01
C VAL B 391 14.19 -13.24 16.82
N CYS B 392 14.07 -14.54 16.59
CA CYS B 392 13.14 -15.43 17.31
C CYS B 392 13.87 -16.73 17.63
N PHE B 393 13.63 -17.29 18.81
CA PHE B 393 14.25 -18.56 19.23
C PHE B 393 13.43 -19.16 20.36
N TRP B 394 13.72 -20.43 20.65
CA TRP B 394 13.21 -21.14 21.85
C TRP B 394 14.25 -21.04 22.96
N GLN B 395 13.89 -20.47 24.12
CA GLN B 395 14.75 -20.40 25.31
C GLN B 395 14.21 -21.36 26.37
N PRO B 396 14.90 -22.49 26.67
CA PRO B 396 14.47 -23.39 27.73
C PRO B 396 14.40 -22.60 29.04
N GLU B 397 13.52 -23.04 29.93
CA GLU B 397 13.27 -22.40 31.24
C GLU B 397 14.54 -22.50 32.08
N LYS B 398 15.19 -23.65 32.08
CA LYS B 398 16.25 -23.94 33.08
C LYS B 398 17.54 -23.21 32.68
N ALA B 399 18.10 -22.44 33.61
CA ALA B 399 19.34 -21.66 33.49
C ALA B 399 20.50 -22.57 33.05
N VAL B 400 21.31 -22.12 32.09
CA VAL B 400 22.38 -22.92 31.44
C VAL B 400 23.70 -22.74 32.20
N LYS B 401 24.28 -23.86 32.65
CA LYS B 401 25.53 -23.90 33.48
C LYS B 401 26.66 -24.53 32.69
N ALA B 402 27.91 -24.17 33.00
CA ALA B 402 29.13 -24.85 32.49
C ALA B 402 28.96 -26.37 32.64
N GLY B 403 29.32 -27.13 31.60
CA GLY B 403 29.19 -28.60 31.58
C GLY B 403 27.80 -29.10 31.21
N ASP B 404 26.78 -28.25 31.04
CA ASP B 404 25.43 -28.72 30.59
C ASP B 404 25.50 -29.29 29.18
N GLU B 405 24.73 -30.35 28.92
CA GLU B 405 24.50 -30.96 27.60
C GLU B 405 23.02 -30.90 27.24
N PHE B 406 22.75 -30.72 25.94
CA PHE B 406 21.41 -30.61 25.34
C PHE B 406 21.43 -31.44 24.06
N ALA B 407 20.29 -32.00 23.71
CA ALA B 407 20.00 -32.66 22.42
C ALA B 407 18.63 -32.18 21.95
N PHE B 408 18.57 -31.60 20.74
CA PHE B 408 17.31 -31.12 20.12
C PHE B 408 17.17 -31.79 18.76
N GLN B 409 15.95 -32.18 18.41
CA GLN B 409 15.60 -32.49 16.99
C GLN B 409 14.45 -31.58 16.59
N TYR B 410 14.54 -31.01 15.38
CA TYR B 410 13.45 -30.22 14.78
C TYR B 410 13.56 -30.28 13.26
N ARG B 411 12.40 -30.13 12.61
CA ARG B 411 12.27 -29.94 11.15
C ARG B 411 12.14 -28.45 10.85
N LEU B 412 12.88 -27.96 9.86
CA LEU B 412 12.72 -26.59 9.29
C LEU B 412 11.99 -26.72 7.96
N TYR B 413 10.90 -25.96 7.78
CA TYR B 413 10.20 -25.83 6.50
C TYR B 413 10.44 -24.42 5.94
N TRP B 414 11.04 -24.37 4.77
CA TRP B 414 11.26 -23.12 3.99
C TRP B 414 10.30 -23.16 2.80
N SER B 415 9.26 -22.32 2.82
CA SER B 415 8.14 -22.33 1.84
C SER B 415 7.27 -21.08 2.01
N ALA B 416 6.58 -20.64 0.95
CA ALA B 416 5.61 -19.52 0.96
C ALA B 416 4.67 -19.66 2.16
N GLN B 417 3.97 -20.79 2.29
CA GLN B 417 3.11 -21.07 3.47
C GLN B 417 3.81 -22.05 4.40
N PRO B 418 3.61 -21.91 5.72
CA PRO B 418 4.08 -22.92 6.66
C PRO B 418 3.36 -24.22 6.32
N PRO B 419 3.86 -25.40 6.76
CA PRO B 419 3.17 -26.67 6.50
C PRO B 419 1.88 -26.89 7.31
N VAL B 420 1.65 -26.10 8.37
CA VAL B 420 0.47 -26.22 9.27
C VAL B 420 0.01 -24.79 9.63
N HIS B 421 -1.30 -24.59 9.77
CA HIS B 421 -1.89 -23.27 10.18
C HIS B 421 -3.12 -23.57 11.00
N CYS B 422 -3.60 -22.60 11.75
CA CYS B 422 -4.85 -22.74 12.53
C CYS B 422 -5.99 -23.23 11.63
N PRO B 423 -6.79 -24.25 12.03
CA PRO B 423 -7.95 -24.67 11.23
C PRO B 423 -9.13 -23.70 11.40
N LEU B 424 -9.07 -22.80 12.37
CA LEU B 424 -10.12 -21.80 12.63
C LEU B 424 -9.83 -20.60 11.74
N ALA B 425 -10.56 -19.50 11.90
CA ALA B 425 -10.27 -18.23 11.19
C ALA B 425 -8.84 -17.79 11.50
N ARG B 426 -8.19 -17.18 10.53
CA ARG B 426 -6.78 -16.72 10.57
C ARG B 426 -6.75 -15.22 10.30
N VAL B 427 -5.83 -14.52 10.95
CA VAL B 427 -5.55 -13.07 10.72
C VAL B 427 -4.94 -12.96 9.32
N MET B 428 -5.57 -12.20 8.43
CA MET B 428 -4.94 -11.88 7.14
C MET B 428 -4.04 -10.64 7.29
N ALA B 429 -4.46 -9.60 7.99
CA ALA B 429 -3.62 -8.38 8.12
C ALA B 429 -4.04 -7.58 9.36
N THR B 430 -3.10 -6.83 9.91
CA THR B 430 -3.28 -5.90 11.05
C THR B 430 -2.97 -4.47 10.56
N ARG B 431 -3.99 -3.61 10.54
CA ARG B 431 -3.87 -2.22 10.04
C ARG B 431 -4.07 -1.27 11.22
N THR B 432 -3.30 -0.19 11.28
CA THR B 432 -3.44 0.88 12.29
C THR B 432 -3.40 2.25 11.59
N GLY B 433 -3.94 3.25 12.27
CA GLY B 433 -3.96 4.63 11.78
C GLY B 433 -4.78 5.48 12.71
N MET B 434 -5.15 6.67 12.29
CA MET B 434 -5.95 7.56 13.18
C MET B 434 -7.34 6.96 13.41
N GLY B 435 -7.85 7.09 14.63
CA GLY B 435 -9.29 6.86 14.93
C GLY B 435 -9.98 8.15 15.26
N GLY B 436 -11.19 8.06 15.83
CA GLY B 436 -11.97 9.21 16.33
C GLY B 436 -12.82 9.89 15.25
N PHE B 437 -13.31 9.15 14.26
CA PHE B 437 -14.15 9.66 13.16
C PHE B 437 -14.79 8.44 12.51
N SER B 438 -15.86 8.64 11.74
CA SER B 438 -16.59 7.55 11.03
C SER B 438 -15.84 7.23 9.74
N GLU B 439 -15.54 5.94 9.52
CA GLU B 439 -14.96 5.43 8.25
C GLU B 439 -15.78 5.98 7.09
N GLY B 440 -15.13 6.49 6.04
CA GLY B 440 -15.81 7.09 4.88
C GLY B 440 -16.00 8.60 5.04
N TRP B 441 -15.81 9.12 6.26
CA TRP B 441 -16.14 10.52 6.60
C TRP B 441 -14.99 11.15 7.38
N ALA B 442 -13.74 10.74 7.13
CA ALA B 442 -12.56 11.33 7.79
C ALA B 442 -12.57 12.84 7.52
N PRO B 443 -12.51 13.73 8.56
CA PRO B 443 -12.57 15.16 8.33
C PRO B 443 -11.39 15.62 7.48
N GLY B 444 -11.67 16.39 6.43
CA GLY B 444 -10.66 17.01 5.55
C GLY B 444 -10.32 18.41 5.99
N GLU B 445 -11.28 19.07 6.63
CA GLU B 445 -11.20 20.51 7.02
C GLU B 445 -10.34 20.65 8.29
N HIS B 446 -10.19 19.58 9.07
CA HIS B 446 -9.45 19.59 10.36
C HIS B 446 -9.12 18.15 10.75
N TYR B 447 -8.16 17.92 11.64
CA TYR B 447 -7.87 16.59 12.18
C TYR B 447 -8.95 16.22 13.19
N PRO B 448 -9.10 14.92 13.54
CA PRO B 448 -10.02 14.50 14.58
C PRO B 448 -9.82 15.29 15.88
N GLU B 449 -10.91 15.66 16.55
CA GLU B 449 -10.86 16.40 17.83
C GLU B 449 -10.31 15.50 18.96
N LYS B 450 -10.65 14.21 18.98
CA LYS B 450 -10.15 13.27 20.02
C LYS B 450 -8.98 12.44 19.49
N TRP B 451 -8.00 12.15 20.34
CA TRP B 451 -6.86 11.26 20.00
C TRP B 451 -7.22 9.81 20.32
N ALA B 452 -7.25 8.95 19.30
CA ALA B 452 -7.37 7.48 19.45
C ALA B 452 -6.63 6.77 18.32
N ARG B 453 -6.25 5.52 18.53
CA ARG B 453 -5.54 4.76 17.48
C ARG B 453 -6.49 3.69 16.98
N ARG B 454 -6.75 3.71 15.68
CA ARG B 454 -7.68 2.77 15.02
C ARG B 454 -6.93 1.49 14.70
N PHE B 455 -7.53 0.35 15.03
CA PHE B 455 -7.05 -1.02 14.70
C PHE B 455 -8.09 -1.68 13.80
N ALA B 456 -7.64 -2.25 12.69
CA ALA B 456 -8.45 -3.09 11.80
C ALA B 456 -7.71 -4.41 11.67
N VAL B 457 -8.31 -5.46 12.25
CA VAL B 457 -7.80 -6.86 12.17
C VAL B 457 -8.72 -7.61 11.22
N ASP B 458 -8.21 -8.00 10.05
CA ASP B 458 -8.98 -8.70 8.99
C ASP B 458 -8.75 -10.20 9.14
N PHE B 459 -9.84 -10.97 9.26
CA PHE B 459 -9.82 -12.46 9.42
C PHE B 459 -10.39 -13.09 8.17
N VAL B 460 -9.83 -14.24 7.76
CA VAL B 460 -10.30 -15.08 6.63
C VAL B 460 -10.33 -16.55 7.04
N GLY B 461 -11.00 -17.37 6.24
CA GLY B 461 -10.95 -18.85 6.30
C GLY B 461 -11.67 -19.39 7.52
N GLY B 462 -11.18 -20.51 8.05
CA GLY B 462 -11.85 -21.23 9.15
C GLY B 462 -13.29 -21.48 8.78
N ASP B 463 -14.20 -21.24 9.72
CA ASP B 463 -15.65 -21.45 9.52
C ASP B 463 -16.40 -20.13 9.64
N LEU B 464 -15.79 -19.03 9.19
CA LEU B 464 -16.40 -17.67 9.31
C LEU B 464 -17.73 -17.63 8.55
N LYS B 465 -17.77 -18.26 7.37
CA LYS B 465 -18.97 -18.28 6.49
C LYS B 465 -20.16 -18.78 7.31
N ALA B 466 -20.07 -20.02 7.81
CA ALA B 466 -21.14 -20.74 8.52
C ALA B 466 -21.44 -20.06 9.86
N ALA B 467 -20.47 -19.36 10.44
CA ALA B 467 -20.58 -18.84 11.83
C ALA B 467 -21.26 -17.47 11.83
N ALA B 468 -21.08 -16.69 10.76
CA ALA B 468 -21.54 -15.30 10.66
C ALA B 468 -23.03 -15.20 11.02
N PRO B 469 -23.91 -16.03 10.42
CA PRO B 469 -25.35 -15.95 10.71
C PRO B 469 -25.61 -16.15 12.20
N LYS B 470 -24.81 -16.99 12.90
CA LYS B 470 -24.99 -17.29 14.35
C LYS B 470 -24.49 -16.14 15.23
N GLY B 471 -23.72 -15.17 14.70
CA GLY B 471 -23.21 -14.04 15.50
C GLY B 471 -21.78 -14.28 15.95
N ILE B 472 -20.89 -13.38 15.53
CA ILE B 472 -19.41 -13.43 15.75
C ILE B 472 -19.03 -12.30 16.70
N GLU B 473 -18.40 -12.61 17.84
CA GLU B 473 -18.01 -11.54 18.79
C GLU B 473 -16.51 -11.56 19.00
N PRO B 474 -15.84 -10.39 18.97
CA PRO B 474 -14.43 -10.30 19.34
C PRO B 474 -14.24 -10.31 20.87
N VAL B 475 -13.29 -11.10 21.36
CA VAL B 475 -12.87 -11.11 22.79
C VAL B 475 -11.52 -10.39 22.87
N ILE B 476 -11.55 -9.15 23.37
CA ILE B 476 -10.40 -8.20 23.34
C ILE B 476 -9.99 -7.95 24.79
N THR B 477 -8.72 -8.22 25.11
CA THR B 477 -8.08 -7.87 26.40
C THR B 477 -6.92 -6.91 26.10
N LEU B 478 -6.68 -6.00 27.01
CA LEU B 478 -5.74 -4.87 26.82
C LEU B 478 -4.97 -4.73 28.12
N SER B 479 -3.65 -4.49 28.05
CA SER B 479 -2.84 -4.19 29.26
C SER B 479 -3.18 -2.77 29.71
N SER B 480 -3.74 -1.94 28.84
CA SER B 480 -4.07 -0.53 29.17
C SER B 480 -4.99 0.06 28.08
N GLY B 481 -5.71 1.12 28.41
CA GLY B 481 -6.64 1.80 27.49
C GLY B 481 -7.93 1.03 27.35
N GLU B 482 -8.78 1.43 26.42
CA GLU B 482 -10.05 0.71 26.18
C GLU B 482 -10.35 0.74 24.69
N ALA B 483 -11.05 -0.30 24.27
CA ALA B 483 -11.42 -0.56 22.88
C ALA B 483 -12.82 0.01 22.71
N LYS B 484 -12.98 1.07 21.91
CA LYS B 484 -14.28 1.74 21.68
C LYS B 484 -14.66 1.62 20.19
N GLN B 485 -15.94 1.83 19.89
CA GLN B 485 -16.51 1.76 18.53
C GLN B 485 -16.01 0.45 17.90
N ILE B 486 -16.22 -0.65 18.61
CA ILE B 486 -15.87 -2.02 18.19
C ILE B 486 -16.88 -2.39 17.12
N GLU B 487 -16.42 -2.69 15.91
CA GLU B 487 -17.27 -3.11 14.76
C GLU B 487 -16.77 -4.45 14.22
N ILE B 488 -17.73 -5.25 13.78
CA ILE B 488 -17.52 -6.53 13.06
C ILE B 488 -18.11 -6.31 11.67
N LEU B 489 -17.26 -6.22 10.66
CA LEU B 489 -17.67 -5.71 9.32
C LEU B 489 -17.30 -6.77 8.31
N TYR B 490 -18.25 -7.17 7.46
CA TYR B 490 -17.95 -8.12 6.36
C TYR B 490 -17.03 -7.41 5.35
N ILE B 491 -16.02 -8.12 4.85
CA ILE B 491 -15.06 -7.65 3.81
C ILE B 491 -15.30 -8.51 2.57
N GLU B 492 -16.11 -8.03 1.65
CA GLU B 492 -16.49 -8.86 0.48
C GLU B 492 -15.26 -9.26 -0.33
N PRO B 493 -14.30 -8.36 -0.67
CA PRO B 493 -13.21 -8.77 -1.55
C PRO B 493 -12.29 -9.91 -1.05
N ILE B 494 -12.21 -10.19 0.25
CA ILE B 494 -11.48 -11.39 0.79
C ILE B 494 -12.48 -12.42 1.34
N ASP B 495 -13.79 -12.16 1.23
CA ASP B 495 -14.84 -12.98 1.87
C ASP B 495 -14.51 -13.17 3.36
N GLY B 496 -14.16 -12.10 4.07
CA GLY B 496 -13.65 -12.17 5.45
C GLY B 496 -14.36 -11.23 6.40
N TYR B 497 -13.87 -11.08 7.63
CA TYR B 497 -14.44 -10.11 8.60
C TYR B 497 -13.33 -9.25 9.20
N ARG B 498 -13.60 -7.96 9.21
CA ARG B 498 -12.75 -6.93 9.85
C ARG B 498 -13.27 -6.72 11.27
N ILE B 499 -12.41 -6.86 12.27
CA ILE B 499 -12.68 -6.34 13.63
C ILE B 499 -11.94 -5.02 13.74
N GLN B 500 -12.70 -3.95 13.79
CA GLN B 500 -12.17 -2.59 13.88
C GLN B 500 -12.54 -2.07 15.26
N PHE B 501 -11.61 -1.36 15.89
CA PHE B 501 -11.81 -0.68 17.19
C PHE B 501 -10.82 0.48 17.28
N ASP B 502 -11.18 1.43 18.14
CA ASP B 502 -10.41 2.64 18.46
C ASP B 502 -9.85 2.44 19.87
N TRP B 503 -8.53 2.39 19.99
CA TRP B 503 -7.83 2.34 21.29
C TRP B 503 -7.76 3.78 21.83
N TYR B 504 -8.46 4.03 22.93
CA TYR B 504 -8.36 5.31 23.69
C TYR B 504 -7.48 5.06 24.92
N PRO B 505 -6.48 5.92 25.20
CA PRO B 505 -5.62 5.69 26.35
C PRO B 505 -6.40 5.90 27.65
N THR B 506 -6.11 5.08 28.67
CA THR B 506 -6.56 5.30 30.06
C THR B 506 -5.41 5.83 30.90
N SER B 507 -4.18 5.83 30.36
CA SER B 507 -2.95 6.29 31.06
C SER B 507 -2.07 7.16 30.15
N ASP B 508 -1.36 8.12 30.72
CA ASP B 508 -0.39 8.96 29.98
C ASP B 508 0.91 8.16 29.77
N SER B 509 1.02 6.94 30.30
CA SER B 509 2.24 6.09 30.21
C SER B 509 2.59 5.81 28.74
N THR B 510 3.87 5.75 28.41
CA THR B 510 4.38 5.31 27.08
C THR B 510 4.81 3.83 27.12
N ASP B 511 4.50 3.11 28.22
CA ASP B 511 4.79 1.66 28.31
C ASP B 511 4.14 0.96 27.13
N PRO B 512 4.76 -0.12 26.60
CA PRO B 512 4.14 -0.92 25.56
C PRO B 512 2.75 -1.39 26.01
N VAL B 513 1.80 -1.35 25.09
CA VAL B 513 0.40 -1.77 25.31
C VAL B 513 0.21 -3.10 24.58
N ASP B 514 0.00 -4.17 25.36
CA ASP B 514 -0.26 -5.55 24.88
C ASP B 514 -1.76 -5.72 24.65
N MET B 515 -2.12 -6.38 23.57
CA MET B 515 -3.52 -6.56 23.14
C MET B 515 -3.66 -8.01 22.72
N ARG B 516 -4.79 -8.63 23.06
CA ARG B 516 -5.15 -9.98 22.59
C ARG B 516 -6.58 -9.94 22.09
N MET B 517 -6.86 -10.68 21.03
CA MET B 517 -8.20 -10.78 20.42
C MET B 517 -8.33 -12.17 19.78
N TYR B 518 -9.45 -12.83 20.05
CA TYR B 518 -9.92 -13.97 19.24
C TYR B 518 -11.43 -13.78 19.07
N LEU B 519 -11.97 -14.40 18.05
CA LEU B 519 -13.40 -14.37 17.71
C LEU B 519 -14.10 -15.54 18.40
N ARG B 520 -15.30 -15.29 18.92
CA ARG B 520 -16.16 -16.32 19.54
C ARG B 520 -17.50 -16.32 18.82
N CYS B 521 -18.18 -17.46 18.86
CA CYS B 521 -19.51 -17.70 18.29
C CYS B 521 -20.17 -18.82 19.11
N GLN B 522 -21.31 -18.54 19.75
CA GLN B 522 -22.09 -19.58 20.47
C GLN B 522 -21.12 -20.38 21.37
N GLY B 523 -20.34 -19.66 22.18
CA GLY B 523 -19.46 -20.21 23.22
C GLY B 523 -18.31 -21.08 22.72
N ASP B 524 -17.81 -20.88 21.49
CA ASP B 524 -16.55 -21.52 21.04
C ASP B 524 -15.64 -20.47 20.44
N ALA B 525 -14.33 -20.63 20.59
CA ALA B 525 -13.31 -19.85 19.84
C ALA B 525 -13.40 -20.31 18.40
N ILE B 526 -13.39 -19.36 17.46
CA ILE B 526 -13.53 -19.69 16.02
C ILE B 526 -12.40 -19.02 15.23
N SER B 527 -11.40 -18.48 15.92
CA SER B 527 -10.22 -17.86 15.28
C SER B 527 -8.96 -18.15 16.11
N GLU B 528 -7.79 -18.09 15.48
CA GLU B 528 -6.51 -18.02 16.22
C GLU B 528 -6.52 -16.77 17.09
N THR B 529 -5.59 -16.67 18.02
CA THR B 529 -5.43 -15.49 18.90
C THR B 529 -4.45 -14.47 18.28
N TRP B 530 -4.97 -13.28 18.00
CA TRP B 530 -4.18 -12.09 17.64
C TRP B 530 -3.53 -11.50 18.89
N LEU B 531 -2.20 -11.37 18.88
CA LEU B 531 -1.41 -10.78 20.00
C LEU B 531 -0.61 -9.61 19.44
N TYR B 532 -0.86 -8.40 19.93
CA TYR B 532 -0.29 -7.16 19.36
C TYR B 532 0.47 -6.43 20.47
N GLN B 533 1.58 -5.77 20.11
CA GLN B 533 2.26 -4.80 21.02
C GLN B 533 2.29 -3.43 20.36
N TYR B 534 1.59 -2.48 20.98
CA TYR B 534 1.43 -1.09 20.53
C TYR B 534 2.28 -0.17 21.42
N PHE B 535 2.87 0.89 20.83
CA PHE B 535 3.68 1.91 21.53
C PHE B 535 2.92 3.24 21.47
N PRO B 536 2.19 3.61 22.54
CA PRO B 536 1.45 4.87 22.51
C PRO B 536 2.45 6.01 22.41
N PRO B 537 2.09 7.14 21.77
CA PRO B 537 2.97 8.31 21.74
C PRO B 537 3.16 8.92 23.14
N ALA B 538 4.16 9.79 23.29
CA ALA B 538 4.32 10.61 24.52
C ALA B 538 3.03 11.41 24.72
N PRO B 539 2.66 11.76 25.97
CA PRO B 539 1.44 12.53 26.24
C PRO B 539 1.24 13.77 25.37
N ASP B 540 2.30 14.54 25.12
CA ASP B 540 2.21 15.80 24.36
C ASP B 540 2.15 15.51 22.86
N LYS B 541 2.23 14.24 22.44
CA LYS B 541 2.13 13.86 21.01
C LYS B 541 0.80 13.14 20.74
N ARG B 542 -0.13 13.10 21.69
CA ARG B 542 -1.49 12.52 21.45
C ARG B 542 -2.39 13.67 20.98
N GLN B 543 -1.97 14.32 19.93
CA GLN B 543 -2.71 15.44 19.30
C GLN B 543 -2.14 15.59 17.90
N TYR B 544 -2.76 16.43 17.08
CA TYR B 544 -2.38 16.56 15.66
C TYR B 544 -1.94 17.99 15.40
N VAL B 545 -0.74 18.14 14.83
CA VAL B 545 -0.16 19.43 14.37
C VAL B 545 -0.76 19.74 12.99
N ASP B 546 -1.58 20.78 12.90
CA ASP B 546 -2.17 21.20 11.61
C ASP B 546 -1.20 22.14 10.89
N ASP B 547 -0.33 21.60 10.00
CA ASP B 547 0.80 22.32 9.34
C ASP B 547 0.38 22.97 7.99
N ARG B 548 -0.90 22.92 7.59
CA ARG B 548 -1.31 23.26 6.19
C ARG B 548 -1.30 24.79 6.00
#